data_7W5R
#
_entry.id   7W5R
#
_cell.length_a   40.556
_cell.length_b   82.513
_cell.length_c   82.573
_cell.angle_alpha   119.986
_cell.angle_beta   90.061
_cell.angle_gamma   90.015
#
_symmetry.space_group_name_H-M   'P 1'
#
loop_
_entity.id
_entity.type
_entity.pdbx_description
1 polymer 'Isoform 2B of GTPase KRas'
2 polymer LEU-TYR-ASP-VAL-ALA
3 non-polymer 'MAGNESIUM ION'
4 non-polymer "GUANOSINE-5'-DIPHOSPHATE"
#
loop_
_entity_poly.entity_id
_entity_poly.type
_entity_poly.pdbx_seq_one_letter_code
_entity_poly.pdbx_strand_id
1 'polypeptide(L)'
;MTEYKLVVVGAVGVGKSALTIQLIQNHFVDEYDPTIEDSYRKQVVIDGETCLLDILDTAGQEEYSAMRDQYMRTGEGFLC
VFAINNTKSFEDIHHYREQIKRVKDSEDVPMVLVGNKCDLPSRTVDTKQAQDLARSYGIPFIETSAKTRQGVDDAFYTLV
REIRKHKEHHHHHH
;
A,E,I,M,Q,U
2 'polypeptide(L)' LYDVA H,X
#
# COMPACT_ATOMS: atom_id res chain seq x y z
N MET A 1 4.17 -11.92 28.33
CA MET A 1 3.10 -11.20 27.66
C MET A 1 2.21 -10.53 28.69
N THR A 2 1.62 -9.39 28.33
CA THR A 2 0.79 -8.64 29.26
C THR A 2 -0.55 -8.31 28.60
N GLU A 3 -1.63 -8.50 29.35
CA GLU A 3 -2.98 -8.47 28.81
C GLU A 3 -3.93 -7.87 29.83
N TYR A 4 -5.13 -7.52 29.36
CA TYR A 4 -6.27 -7.16 30.22
C TYR A 4 -7.56 -7.46 29.47
N LYS A 5 -8.51 -8.10 30.17
CA LYS A 5 -9.81 -8.47 29.60
C LYS A 5 -10.85 -7.50 30.15
N LEU A 6 -11.27 -6.54 29.31
CA LEU A 6 -12.18 -5.49 29.72
C LEU A 6 -13.57 -5.72 29.11
N VAL A 7 -14.59 -5.16 29.77
CA VAL A 7 -15.97 -5.26 29.34
C VAL A 7 -16.61 -3.89 29.40
N VAL A 8 -17.45 -3.58 28.43
CA VAL A 8 -18.06 -2.25 28.27
C VAL A 8 -19.57 -2.43 28.39
N VAL A 9 -20.14 -2.08 29.55
CA VAL A 9 -21.56 -2.25 29.79
C VAL A 9 -22.25 -0.88 29.72
N GLY A 10 -23.56 -0.92 29.51
CA GLY A 10 -24.35 0.28 29.41
C GLY A 10 -25.61 0.03 28.61
N ALA A 11 -26.43 1.08 28.52
CA ALA A 11 -27.67 0.99 27.77
C ALA A 11 -27.40 1.13 26.28
N VAL A 12 -28.45 1.01 25.46
CA VAL A 12 -28.34 1.23 24.03
C VAL A 12 -28.62 2.71 23.76
N GLY A 13 -27.84 3.32 22.87
CA GLY A 13 -27.97 4.73 22.58
C GLY A 13 -26.96 5.64 23.27
N VAL A 14 -26.16 5.11 24.19
CA VAL A 14 -25.09 5.91 24.80
C VAL A 14 -23.88 6.00 23.88
N GLY A 15 -23.49 4.86 23.29
CA GLY A 15 -22.29 4.80 22.50
C GLY A 15 -21.28 3.83 23.08
N LYS A 16 -21.76 2.65 23.52
CA LYS A 16 -20.85 1.65 24.05
C LYS A 16 -19.83 1.23 23.00
N SER A 17 -20.26 1.08 21.75
CA SER A 17 -19.37 0.66 20.68
C SER A 17 -18.50 1.80 20.19
N ALA A 18 -19.02 3.03 20.19
CA ALA A 18 -18.26 4.18 19.71
C ALA A 18 -16.95 4.36 20.48
N LEU A 19 -16.90 3.91 21.74
CA LEU A 19 -15.65 3.97 22.51
C LEU A 19 -14.74 2.77 22.22
N THR A 20 -15.33 1.57 22.06
CA THR A 20 -14.54 0.40 21.73
C THR A 20 -13.86 0.57 20.37
N ILE A 21 -14.56 1.13 19.41
CA ILE A 21 -14.10 1.16 18.03
C ILE A 21 -13.33 2.44 17.66
N GLN A 22 -13.51 3.52 18.42
CA GLN A 22 -12.66 4.69 18.23
C GLN A 22 -11.32 4.53 18.93
N LEU A 23 -11.30 3.85 20.07
CA LEU A 23 -10.01 3.52 20.69
C LEU A 23 -9.25 2.51 19.85
N ILE A 24 -9.95 1.53 19.26
CA ILE A 24 -9.28 0.41 18.63
C ILE A 24 -9.16 0.62 17.13
N GLN A 25 -10.30 0.72 16.44
CA GLN A 25 -10.29 0.80 14.99
C GLN A 25 -10.10 2.22 14.46
N ASN A 26 -10.15 3.24 15.31
CA ASN A 26 -9.79 4.61 14.94
C ASN A 26 -10.61 5.20 13.80
N HIS A 27 -11.87 5.54 14.07
CA HIS A 27 -12.70 6.44 13.26
C HIS A 27 -14.08 6.49 13.87
N PHE A 28 -14.70 7.67 13.89
CA PHE A 28 -16.03 7.81 14.47
C PHE A 28 -17.03 6.92 13.77
N VAL A 29 -17.49 5.88 14.45
CA VAL A 29 -18.53 5.00 13.93
C VAL A 29 -19.81 5.82 13.79
N ASP A 30 -20.10 6.26 12.56
CA ASP A 30 -21.32 7.05 12.31
C ASP A 30 -22.57 6.34 12.81
N GLU A 31 -22.53 5.01 12.91
CA GLU A 31 -23.63 4.19 13.42
C GLU A 31 -23.16 2.74 13.55
N TYR A 32 -23.41 2.12 14.70
CA TYR A 32 -22.98 0.74 14.89
C TYR A 32 -24.18 -0.05 15.37
N ASP A 33 -24.42 -1.21 14.74
CA ASP A 33 -25.56 -2.05 15.06
C ASP A 33 -25.57 -2.40 16.55
N PRO A 34 -26.55 -1.90 17.32
CA PRO A 34 -26.52 -2.11 18.78
C PRO A 34 -26.93 -3.51 19.20
N THR A 35 -27.09 -4.42 18.24
CA THR A 35 -27.46 -5.80 18.52
C THR A 35 -26.32 -6.78 18.30
N ILE A 36 -25.10 -6.29 18.08
CA ILE A 36 -23.95 -7.16 17.87
C ILE A 36 -22.89 -6.83 18.92
N GLU A 37 -22.01 -7.79 19.17
CA GLU A 37 -20.91 -7.59 20.11
C GLU A 37 -19.83 -8.62 19.85
N ASP A 38 -18.67 -8.15 19.39
CA ASP A 38 -17.46 -8.96 19.31
C ASP A 38 -16.58 -8.68 20.51
N SER A 39 -15.67 -9.60 20.79
CA SER A 39 -14.67 -9.40 21.83
C SER A 39 -13.44 -8.79 21.17
N TYR A 40 -13.52 -7.48 20.92
CA TYR A 40 -12.46 -6.77 20.24
C TYR A 40 -11.17 -6.79 21.05
N ARG A 41 -10.11 -6.29 20.42
CA ARG A 41 -8.77 -6.41 21.00
C ARG A 41 -7.84 -5.44 20.31
N LYS A 42 -6.75 -5.09 21.00
CA LYS A 42 -5.68 -4.27 20.45
C LYS A 42 -4.54 -4.12 21.45
N GLN A 43 -3.30 -4.19 20.96
CA GLN A 43 -2.13 -3.92 21.79
C GLN A 43 -1.80 -2.44 21.71
N VAL A 44 -1.51 -1.86 22.88
CA VAL A 44 -1.18 -0.43 22.97
C VAL A 44 -0.08 -0.24 24.00
N VAL A 45 0.67 0.85 23.82
CA VAL A 45 1.71 1.24 24.77
C VAL A 45 1.02 1.90 25.96
N ILE A 46 0.18 1.13 26.67
CA ILE A 46 -0.44 1.63 27.90
C ILE A 46 0.65 2.06 28.86
N ASP A 47 0.55 3.29 29.35
CA ASP A 47 1.17 3.69 30.61
C ASP A 47 2.49 2.97 30.89
N GLY A 48 3.56 3.37 30.20
CA GLY A 48 4.88 2.77 30.36
C GLY A 48 4.87 1.26 30.48
N GLU A 49 4.16 0.59 29.58
CA GLU A 49 3.96 -0.84 29.67
C GLU A 49 3.32 -1.31 28.36
N THR A 50 3.53 -2.56 28.03
CA THR A 50 3.04 -3.13 26.77
C THR A 50 1.94 -4.12 27.09
N CYS A 51 0.69 -3.66 26.99
CA CYS A 51 -0.47 -4.40 27.46
C CYS A 51 -1.47 -4.60 26.34
N LEU A 52 -2.20 -5.70 26.40
CA LEU A 52 -3.14 -6.11 25.36
C LEU A 52 -4.56 -5.97 25.90
N LEU A 53 -5.35 -5.08 25.29
CA LEU A 53 -6.74 -4.84 25.69
C LEU A 53 -7.65 -5.76 24.89
N ASP A 54 -8.09 -6.86 25.52
CA ASP A 54 -9.08 -7.75 24.92
C ASP A 54 -10.44 -7.35 25.50
N ILE A 55 -11.07 -6.36 24.86
CA ILE A 55 -12.28 -5.73 25.39
C ILE A 55 -13.50 -6.57 25.02
N LEU A 56 -14.69 -6.08 25.38
CA LEU A 56 -15.94 -6.75 25.01
C LEU A 56 -17.04 -5.71 25.05
N ASP A 57 -17.71 -5.50 23.92
CA ASP A 57 -18.68 -4.42 23.77
C ASP A 57 -20.10 -4.95 23.94
N THR A 58 -20.45 -5.22 25.19
CA THR A 58 -21.66 -5.97 25.48
C THR A 58 -22.92 -5.14 25.21
N ALA A 59 -24.02 -5.85 24.99
CA ALA A 59 -25.34 -5.25 24.85
C ALA A 59 -26.42 -6.17 25.41
N GLY A 60 -26.02 -7.17 26.21
CA GLY A 60 -26.95 -8.13 26.78
C GLY A 60 -27.64 -8.95 25.71
N GLN A 61 -28.90 -9.29 25.99
CA GLN A 61 -29.76 -10.01 25.05
C GLN A 61 -29.12 -11.28 24.52
N GLY A 75 -13.81 -11.30 33.06
CA GLY A 75 -13.85 -9.88 33.33
C GLY A 75 -12.88 -9.43 34.42
N GLU A 76 -12.06 -8.43 34.09
CA GLU A 76 -11.11 -7.84 35.03
C GLU A 76 -11.44 -6.40 35.38
N GLY A 77 -11.89 -5.62 34.40
CA GLY A 77 -12.33 -4.26 34.64
C GLY A 77 -13.46 -3.85 33.72
N PHE A 78 -14.58 -3.41 34.28
CA PHE A 78 -15.78 -3.09 33.51
C PHE A 78 -15.84 -1.60 33.20
N LEU A 79 -16.26 -1.28 31.98
CA LEU A 79 -16.43 0.11 31.56
C LEU A 79 -17.92 0.42 31.60
N CYS A 80 -18.43 0.65 32.80
CA CYS A 80 -19.84 1.01 32.98
C CYS A 80 -20.02 2.47 32.60
N VAL A 81 -20.86 2.73 31.60
CA VAL A 81 -20.86 3.99 30.89
C VAL A 81 -22.29 4.50 30.78
N PHE A 82 -22.48 5.79 30.99
CA PHE A 82 -23.76 6.45 30.73
C PHE A 82 -23.55 7.56 29.70
N ALA A 83 -24.66 8.04 29.15
CA ALA A 83 -24.64 9.15 28.21
C ALA A 83 -24.97 10.45 28.93
N ILE A 84 -24.17 11.49 28.65
CA ILE A 84 -24.38 12.79 29.28
C ILE A 84 -25.52 13.57 28.66
N ASN A 85 -25.97 13.18 27.46
CA ASN A 85 -27.20 13.69 26.88
C ASN A 85 -28.32 12.66 26.98
N ASN A 86 -28.30 11.87 28.06
CA ASN A 86 -29.38 10.94 28.36
C ASN A 86 -29.89 11.20 29.78
N THR A 87 -30.67 10.28 30.30
CA THR A 87 -31.11 10.34 31.69
C THR A 87 -31.53 8.94 32.10
N LYS A 88 -32.21 8.24 31.18
CA LYS A 88 -32.46 6.82 31.36
C LYS A 88 -31.15 6.05 31.48
N SER A 89 -30.18 6.34 30.60
CA SER A 89 -28.91 5.63 30.66
C SER A 89 -28.14 5.95 31.93
N PHE A 90 -28.24 7.19 32.41
CA PHE A 90 -27.55 7.55 33.65
C PHE A 90 -28.21 6.93 34.87
N GLU A 91 -29.51 6.64 34.79
CA GLU A 91 -30.23 6.07 35.92
C GLU A 91 -30.22 4.56 35.94
N ASP A 92 -29.66 3.92 34.91
CA ASP A 92 -29.42 2.48 34.89
C ASP A 92 -28.07 2.10 35.48
N ILE A 93 -27.30 3.08 35.97
CA ILE A 93 -25.98 2.78 36.50
C ILE A 93 -26.07 1.78 37.64
N HIS A 94 -26.87 2.09 38.68
CA HIS A 94 -27.03 1.17 39.80
C HIS A 94 -27.42 -0.22 39.34
N HIS A 95 -28.33 -0.33 38.37
CA HIS A 95 -28.66 -1.66 37.86
C HIS A 95 -27.51 -2.23 37.03
N TYR A 96 -26.70 -1.38 36.39
CA TYR A 96 -25.50 -1.88 35.74
C TYR A 96 -24.37 -2.05 36.74
N ARG A 97 -24.33 -1.17 37.74
CA ARG A 97 -23.52 -1.32 38.94
C ARG A 97 -23.74 -2.67 39.61
N GLU A 98 -24.91 -2.86 40.21
CA GLU A 98 -25.17 -4.06 40.98
C GLU A 98 -25.08 -5.32 40.12
N GLN A 99 -25.35 -5.21 38.81
CA GLN A 99 -25.08 -6.34 37.93
C GLN A 99 -23.62 -6.76 38.02
N ILE A 100 -22.71 -5.80 37.90
CA ILE A 100 -21.27 -6.10 37.94
C ILE A 100 -20.88 -6.69 39.29
N LYS A 101 -21.37 -6.09 40.38
CA LYS A 101 -21.15 -6.66 41.70
C LYS A 101 -21.78 -8.05 41.81
N ARG A 102 -22.99 -8.21 41.29
CA ARG A 102 -23.71 -9.46 41.46
C ARG A 102 -22.93 -10.65 40.88
N VAL A 103 -22.33 -10.47 39.70
CA VAL A 103 -21.64 -11.58 39.04
C VAL A 103 -20.34 -11.91 39.76
N LYS A 104 -19.49 -10.92 39.93
CA LYS A 104 -18.23 -11.12 40.64
C LYS A 104 -18.41 -11.35 42.13
N ASP A 105 -19.67 -11.42 42.60
CA ASP A 105 -20.07 -11.56 44.00
C ASP A 105 -19.09 -10.85 44.92
N SER A 106 -18.73 -9.63 44.56
CA SER A 106 -17.76 -8.83 45.28
C SER A 106 -18.22 -7.38 45.29
N GLU A 107 -17.97 -6.69 46.39
CA GLU A 107 -18.26 -5.27 46.48
C GLU A 107 -17.08 -4.42 46.07
N ASP A 108 -15.91 -5.02 45.83
CA ASP A 108 -14.70 -4.30 45.41
C ASP A 108 -14.21 -4.91 44.11
N VAL A 109 -14.82 -4.49 43.01
CA VAL A 109 -14.40 -4.87 41.66
C VAL A 109 -13.90 -3.61 40.99
N PRO A 110 -12.82 -3.63 40.21
CA PRO A 110 -12.37 -2.39 39.55
C PRO A 110 -13.29 -2.01 38.41
N MET A 111 -13.53 -0.71 38.24
CA MET A 111 -14.19 -0.22 37.03
C MET A 111 -13.99 1.28 37.00
N VAL A 112 -14.57 1.93 35.98
CA VAL A 112 -14.55 3.38 35.89
C VAL A 112 -15.80 3.87 35.17
N LEU A 113 -16.60 4.68 35.86
CA LEU A 113 -17.79 5.28 35.27
C LEU A 113 -17.38 6.49 34.44
N VAL A 114 -17.70 6.47 33.15
CA VAL A 114 -17.32 7.57 32.28
C VAL A 114 -18.59 8.18 31.68
N GLY A 115 -18.52 9.47 31.38
CA GLY A 115 -19.61 10.17 30.72
C GLY A 115 -19.37 10.40 29.25
N ASN A 116 -20.03 9.62 28.40
CA ASN A 116 -19.73 9.60 26.97
C ASN A 116 -20.57 10.64 26.23
N LYS A 117 -20.08 11.00 25.03
CA LYS A 117 -20.74 11.96 24.15
C LYS A 117 -20.81 13.34 24.77
N CYS A 118 -19.78 13.71 25.54
CA CYS A 118 -19.72 15.05 26.11
C CYS A 118 -19.44 16.12 25.07
N ASP A 119 -19.21 15.73 23.81
CA ASP A 119 -19.00 16.70 22.74
C ASP A 119 -20.28 17.44 22.38
N LEU A 120 -21.44 16.99 22.87
CA LEU A 120 -22.73 17.58 22.52
C LEU A 120 -23.07 18.72 23.48
N PRO A 121 -23.58 19.84 22.96
CA PRO A 121 -24.11 20.89 23.85
C PRO A 121 -25.50 20.59 24.37
N SER A 122 -26.21 19.64 23.75
CA SER A 122 -27.55 19.25 24.20
C SER A 122 -27.48 18.29 25.39
N ARG A 123 -26.92 18.79 26.49
CA ARG A 123 -26.58 17.96 27.63
C ARG A 123 -27.30 18.44 28.89
N THR A 124 -27.59 17.49 29.77
CA THR A 124 -28.35 17.76 30.99
C THR A 124 -27.67 17.21 32.23
N VAL A 125 -26.91 16.12 32.07
CA VAL A 125 -26.32 15.42 33.21
C VAL A 125 -25.05 16.17 33.60
N ASP A 126 -25.14 16.99 34.64
CA ASP A 126 -24.02 17.82 35.07
C ASP A 126 -22.87 16.96 35.57
N THR A 127 -21.68 17.57 35.58
CA THR A 127 -20.49 16.88 36.09
C THR A 127 -20.66 16.54 37.57
N LYS A 128 -21.47 17.32 38.29
CA LYS A 128 -21.80 17.03 39.68
C LYS A 128 -22.35 15.61 39.85
N GLN A 129 -23.55 15.37 39.30
CA GLN A 129 -24.12 14.03 39.27
C GLN A 129 -23.08 13.02 38.78
N ALA A 130 -22.40 13.39 37.70
CA ALA A 130 -21.37 12.57 37.09
C ALA A 130 -20.07 12.64 37.90
N GLN A 131 -20.21 12.74 39.22
CA GLN A 131 -19.07 12.74 40.14
C GLN A 131 -19.53 12.23 41.49
N ASP A 132 -20.51 12.91 42.10
CA ASP A 132 -21.08 12.44 43.36
C ASP A 132 -21.49 10.98 43.26
N LEU A 133 -22.00 10.57 42.10
CA LEU A 133 -22.25 9.16 41.85
C LEU A 133 -20.93 8.40 41.72
N ALA A 134 -20.01 8.91 40.91
CA ALA A 134 -18.70 8.26 40.78
C ALA A 134 -17.93 8.32 42.09
N ARG A 135 -18.12 9.39 42.87
CA ARG A 135 -17.51 9.48 44.19
C ARG A 135 -18.18 8.56 45.19
N SER A 136 -19.37 8.05 44.89
CA SER A 136 -20.07 7.08 45.72
C SER A 136 -19.67 5.64 45.39
N TYR A 137 -18.53 5.45 44.71
CA TYR A 137 -17.84 4.17 44.71
C TYR A 137 -16.33 4.36 44.71
N GLY A 138 -15.85 5.61 44.82
CA GLY A 138 -14.43 5.90 44.84
C GLY A 138 -13.83 5.97 43.45
N ILE A 139 -14.39 5.18 42.54
CA ILE A 139 -13.81 4.91 41.23
C ILE A 139 -13.88 6.15 40.34
N PRO A 140 -12.85 6.35 39.46
CA PRO A 140 -12.57 7.66 38.83
C PRO A 140 -13.73 8.50 38.32
N PHE A 141 -13.63 8.83 37.03
CA PHE A 141 -14.62 9.48 36.17
C PHE A 141 -13.92 10.34 35.13
N ILE A 142 -14.30 10.15 33.87
CA ILE A 142 -13.80 10.92 32.75
C ILE A 142 -14.99 11.28 31.88
N GLU A 143 -14.75 12.09 30.85
CA GLU A 143 -15.81 12.50 29.92
C GLU A 143 -15.32 12.26 28.50
N THR A 144 -15.80 11.20 27.87
CA THR A 144 -15.39 10.85 26.51
C THR A 144 -16.42 11.30 25.47
N SER A 145 -16.00 11.23 24.22
CA SER A 145 -16.82 11.56 23.07
C SER A 145 -16.13 11.03 21.81
N ALA A 146 -16.68 9.97 21.23
CA ALA A 146 -16.00 9.28 20.14
C ALA A 146 -15.90 10.10 18.87
N LYS A 147 -16.62 11.20 18.77
CA LYS A 147 -16.45 12.08 17.62
C LYS A 147 -15.14 12.86 17.69
N THR A 148 -14.52 12.92 18.87
CA THR A 148 -13.34 13.72 19.11
C THR A 148 -12.14 12.91 19.59
N ARG A 149 -12.39 11.75 20.20
CA ARG A 149 -11.37 10.94 20.90
C ARG A 149 -10.85 11.68 22.14
N GLN A 150 -11.79 12.15 22.97
CA GLN A 150 -11.43 12.89 24.18
C GLN A 150 -10.81 11.95 25.21
N GLY A 151 -11.51 11.71 26.31
CA GLY A 151 -11.03 10.75 27.28
C GLY A 151 -11.17 9.31 26.86
N VAL A 152 -11.56 9.08 25.59
CA VAL A 152 -11.79 7.75 25.02
C VAL A 152 -10.71 6.79 25.50
N ASP A 153 -9.46 7.08 25.16
CA ASP A 153 -8.36 6.23 25.60
C ASP A 153 -8.16 6.32 27.10
N ASP A 154 -8.22 7.53 27.66
CA ASP A 154 -8.00 7.68 29.10
C ASP A 154 -9.05 6.95 29.91
N ALA A 155 -10.26 6.81 29.37
CA ALA A 155 -11.26 5.96 30.00
C ALA A 155 -10.74 4.53 30.11
N PHE A 156 -10.26 3.97 28.99
CA PHE A 156 -9.74 2.61 29.00
C PHE A 156 -8.43 2.53 29.77
N TYR A 157 -7.54 3.51 29.58
CA TYR A 157 -6.24 3.48 30.26
C TYR A 157 -6.42 3.50 31.78
N THR A 158 -7.27 4.40 32.27
CA THR A 158 -7.50 4.50 33.72
C THR A 158 -8.07 3.22 34.30
N LEU A 159 -8.75 2.41 33.48
CA LEU A 159 -9.23 1.11 33.94
C LEU A 159 -8.09 0.17 34.26
N VAL A 160 -7.01 0.21 33.49
CA VAL A 160 -5.89 -0.70 33.69
C VAL A 160 -5.26 -0.49 35.06
N ARG A 161 -5.05 0.77 35.44
CA ARG A 161 -4.55 1.10 36.77
C ARG A 161 -5.43 0.48 37.85
N GLU A 162 -6.75 0.57 37.66
CA GLU A 162 -7.67 -0.01 38.63
C GLU A 162 -7.47 -1.52 38.73
N ILE A 163 -7.17 -2.17 37.61
CA ILE A 163 -6.90 -3.60 37.64
C ILE A 163 -5.59 -3.88 38.36
N ARG A 164 -4.53 -3.14 37.99
CA ARG A 164 -3.23 -3.32 38.64
C ARG A 164 -3.37 -3.18 40.15
N LYS A 165 -4.14 -2.20 40.60
CA LYS A 165 -4.35 -1.93 42.01
C LYS A 165 -4.91 -3.15 42.73
N HIS A 166 -6.14 -3.54 42.37
CA HIS A 166 -6.88 -4.63 42.98
C HIS A 166 -6.02 -5.85 43.30
N LYS A 167 -5.08 -6.18 42.40
CA LYS A 167 -4.17 -7.30 42.63
C LYS A 167 -3.26 -7.05 43.82
N GLU A 168 -2.32 -6.13 43.66
CA GLU A 168 -1.28 -5.90 44.66
C GLU A 168 -1.77 -5.02 45.81
N MET B 1 -44.66 16.03 -3.38
CA MET B 1 -43.93 14.79 -3.14
C MET B 1 -42.44 14.99 -3.42
N THR B 2 -41.60 14.33 -2.63
CA THR B 2 -40.15 14.45 -2.75
C THR B 2 -39.56 13.07 -2.93
N GLU B 3 -38.72 12.90 -3.97
CA GLU B 3 -38.24 11.60 -4.38
C GLU B 3 -36.80 11.72 -4.87
N TYR B 4 -36.14 10.57 -5.00
CA TYR B 4 -34.80 10.44 -5.56
C TYR B 4 -34.64 9.06 -6.17
N LYS B 5 -34.05 8.99 -7.36
CA LYS B 5 -33.87 7.74 -8.09
C LYS B 5 -32.38 7.39 -8.13
N LEU B 6 -31.97 6.44 -7.30
CA LEU B 6 -30.57 6.15 -7.05
C LEU B 6 -30.20 4.76 -7.59
N VAL B 7 -28.90 4.59 -7.86
CA VAL B 7 -28.37 3.35 -8.42
C VAL B 7 -27.14 2.95 -7.62
N VAL B 8 -26.84 1.65 -7.65
CA VAL B 8 -25.78 1.05 -6.83
C VAL B 8 -24.95 0.17 -7.77
N VAL B 9 -23.86 0.73 -8.31
CA VAL B 9 -23.01 0.01 -9.23
C VAL B 9 -21.80 -0.55 -8.48
N GLY B 10 -21.15 -1.55 -9.07
CA GLY B 10 -20.01 -2.17 -8.46
C GLY B 10 -19.84 -3.61 -8.95
N ALA B 11 -18.84 -4.28 -8.38
CA ALA B 11 -18.55 -5.66 -8.75
C ALA B 11 -19.43 -6.63 -7.97
N VAL B 12 -19.26 -7.92 -8.22
CA VAL B 12 -20.00 -8.95 -7.51
C VAL B 12 -19.17 -9.39 -6.30
N GLY B 13 -19.84 -9.49 -5.15
CA GLY B 13 -19.19 -9.89 -3.93
C GLY B 13 -18.63 -8.75 -3.09
N VAL B 14 -18.86 -7.50 -3.49
CA VAL B 14 -18.38 -6.38 -2.69
C VAL B 14 -19.36 -6.07 -1.57
N GLY B 15 -20.65 -5.99 -1.88
CA GLY B 15 -21.63 -5.61 -0.90
C GLY B 15 -22.68 -4.67 -1.45
N LYS B 16 -22.82 -4.61 -2.78
CA LYS B 16 -23.78 -3.69 -3.39
C LYS B 16 -25.16 -3.85 -2.77
N SER B 17 -25.63 -5.10 -2.70
CA SER B 17 -26.93 -5.35 -2.10
C SER B 17 -26.88 -5.21 -0.59
N ALA B 18 -25.81 -5.70 0.06
CA ALA B 18 -25.70 -5.63 1.51
C ALA B 18 -25.97 -4.22 2.02
N LEU B 19 -25.63 -3.20 1.22
CA LEU B 19 -25.96 -1.83 1.59
C LEU B 19 -27.42 -1.52 1.27
N THR B 20 -27.89 -1.94 0.09
CA THR B 20 -29.26 -1.66 -0.32
C THR B 20 -30.27 -2.27 0.64
N ILE B 21 -29.95 -3.43 1.20
CA ILE B 21 -30.92 -4.20 1.97
C ILE B 21 -30.60 -4.20 3.46
N GLN B 22 -29.59 -3.43 3.88
CA GLN B 22 -29.42 -3.08 5.28
C GLN B 22 -29.97 -1.71 5.61
N LEU B 23 -29.90 -0.77 4.67
CA LEU B 23 -30.54 0.53 4.83
C LEU B 23 -32.05 0.44 4.68
N ILE B 24 -32.54 -0.44 3.82
CA ILE B 24 -33.96 -0.47 3.48
C ILE B 24 -34.67 -1.52 4.32
N GLN B 25 -34.24 -2.78 4.19
CA GLN B 25 -34.92 -3.88 4.88
C GLN B 25 -34.44 -4.07 6.32
N ASN B 26 -33.27 -3.52 6.67
CA ASN B 26 -32.76 -3.50 8.05
C ASN B 26 -32.51 -4.91 8.58
N HIS B 27 -31.45 -5.53 8.04
CA HIS B 27 -30.74 -6.65 8.66
C HIS B 27 -29.60 -7.07 7.75
N PHE B 28 -28.52 -7.60 8.32
CA PHE B 28 -27.36 -7.99 7.53
C PHE B 28 -27.75 -9.15 6.62
N VAL B 29 -27.84 -8.89 5.33
CA VAL B 29 -28.08 -9.93 4.35
C VAL B 29 -26.87 -10.85 4.34
N ASP B 30 -27.01 -12.03 4.96
CA ASP B 30 -25.93 -12.99 5.00
C ASP B 30 -25.36 -13.22 3.61
N GLU B 31 -26.23 -13.28 2.60
CA GLU B 31 -25.87 -13.34 1.20
C GLU B 31 -27.11 -13.06 0.38
N TYR B 32 -26.95 -12.32 -0.72
CA TYR B 32 -28.04 -12.03 -1.62
C TYR B 32 -27.55 -12.36 -3.03
N ASP B 33 -28.44 -12.85 -3.88
CA ASP B 33 -27.99 -13.30 -5.20
C ASP B 33 -27.47 -12.12 -6.00
N PRO B 34 -26.19 -12.10 -6.39
CA PRO B 34 -25.67 -10.94 -7.14
C PRO B 34 -26.12 -10.91 -8.59
N THR B 35 -26.82 -11.93 -9.06
CA THR B 35 -27.26 -12.00 -10.45
C THR B 35 -28.74 -11.63 -10.62
N ILE B 36 -29.29 -10.84 -9.69
CA ILE B 36 -30.61 -10.26 -9.82
C ILE B 36 -30.53 -8.82 -9.33
N GLU B 37 -31.42 -7.98 -9.83
CA GLU B 37 -31.47 -6.58 -9.41
C GLU B 37 -32.90 -6.08 -9.50
N ASP B 38 -33.52 -5.85 -8.34
CA ASP B 38 -34.79 -5.16 -8.25
C ASP B 38 -34.54 -3.69 -7.94
N SER B 39 -35.54 -2.86 -8.23
CA SER B 39 -35.45 -1.42 -8.02
C SER B 39 -36.08 -1.11 -6.66
N TYR B 40 -35.30 -1.34 -5.60
CA TYR B 40 -35.80 -1.15 -4.24
C TYR B 40 -36.14 0.31 -3.97
N ARG B 41 -36.93 0.51 -2.91
CA ARG B 41 -37.45 1.82 -2.57
C ARG B 41 -37.76 1.85 -1.08
N LYS B 42 -37.71 3.05 -0.50
CA LYS B 42 -38.04 3.24 0.91
C LYS B 42 -38.07 4.73 1.22
N GLN B 43 -39.08 5.15 1.98
CA GLN B 43 -39.15 6.51 2.47
C GLN B 43 -38.41 6.61 3.80
N VAL B 44 -37.61 7.66 3.94
CA VAL B 44 -36.87 7.92 5.16
C VAL B 44 -36.88 9.42 5.42
N VAL B 45 -36.82 9.79 6.70
CA VAL B 45 -36.72 11.18 7.08
C VAL B 45 -35.30 11.65 6.78
N ILE B 46 -34.90 11.62 5.50
CA ILE B 46 -33.60 12.13 5.08
C ILE B 46 -33.46 13.57 5.53
N ASP B 47 -32.29 13.94 6.04
CA ASP B 47 -31.96 15.31 6.36
C ASP B 47 -33.13 16.29 6.49
N GLY B 48 -33.78 16.43 7.65
CA GLY B 48 -34.81 17.47 7.78
C GLY B 48 -35.65 17.61 6.53
N GLU B 49 -36.06 16.48 5.97
CA GLU B 49 -36.73 16.45 4.68
C GLU B 49 -37.34 15.07 4.54
N THR B 50 -38.34 14.96 3.68
CA THR B 50 -39.08 13.71 3.51
C THR B 50 -38.94 13.23 2.08
N CYS B 51 -37.99 12.31 1.87
CA CYS B 51 -37.58 11.91 0.54
C CYS B 51 -37.72 10.40 0.38
N LEU B 52 -37.88 9.97 -0.88
CA LEU B 52 -38.17 8.58 -1.23
C LEU B 52 -37.04 8.03 -2.09
N LEU B 53 -36.22 7.15 -1.50
CA LEU B 53 -35.08 6.51 -2.17
C LEU B 53 -35.55 5.34 -3.01
N ASP B 54 -35.81 5.60 -4.29
CA ASP B 54 -36.05 4.52 -5.24
C ASP B 54 -34.70 4.07 -5.77
N ILE B 55 -34.06 3.15 -5.04
CA ILE B 55 -32.70 2.71 -5.33
C ILE B 55 -32.73 1.66 -6.44
N LEU B 56 -31.55 1.30 -6.95
CA LEU B 56 -31.46 0.21 -7.92
C LEU B 56 -30.14 -0.51 -7.68
N ASP B 57 -30.23 -1.78 -7.29
CA ASP B 57 -29.07 -2.55 -6.87
C ASP B 57 -28.48 -3.27 -8.10
N THR B 58 -27.90 -2.48 -9.00
CA THR B 58 -27.59 -2.97 -10.32
C THR B 58 -26.42 -3.96 -10.30
N ALA B 59 -26.39 -4.82 -11.33
CA ALA B 59 -25.31 -5.78 -11.48
C ALA B 59 -24.91 -6.01 -12.93
N GLY B 60 -25.36 -5.18 -13.87
CA GLY B 60 -24.87 -5.28 -15.24
C GLY B 60 -25.31 -6.55 -15.95
N GLN B 61 -24.43 -7.07 -16.80
CA GLN B 61 -24.69 -8.25 -17.61
C GLN B 61 -25.87 -8.05 -18.56
N TYR B 71 -33.22 3.79 -16.56
CA TYR B 71 -32.60 3.43 -15.30
C TYR B 71 -31.28 4.14 -15.18
N MET B 72 -30.23 3.50 -15.70
CA MET B 72 -28.93 4.17 -15.81
C MET B 72 -28.98 5.21 -16.92
N ARG B 73 -30.06 5.99 -16.95
CA ARG B 73 -30.10 7.31 -17.58
C ARG B 73 -30.64 8.28 -16.54
N THR B 74 -31.80 7.93 -15.96
CA THR B 74 -32.43 8.64 -14.85
C THR B 74 -31.70 8.43 -13.54
N GLY B 75 -30.54 7.78 -13.56
CA GLY B 75 -29.70 7.69 -12.39
C GLY B 75 -29.33 9.06 -11.86
N GLU B 76 -30.10 9.55 -10.88
CA GLU B 76 -29.82 10.85 -10.29
C GLU B 76 -28.48 10.83 -9.56
N GLY B 77 -28.36 9.96 -8.55
CA GLY B 77 -27.10 9.75 -7.89
C GLY B 77 -26.73 8.29 -7.87
N PHE B 78 -25.59 7.95 -8.46
CA PHE B 78 -25.10 6.59 -8.45
C PHE B 78 -24.27 6.31 -7.21
N LEU B 79 -24.31 5.07 -6.77
CA LEU B 79 -23.50 4.61 -5.63
C LEU B 79 -22.43 3.68 -6.15
N CYS B 80 -21.38 4.26 -6.73
CA CYS B 80 -20.22 3.49 -7.16
C CYS B 80 -19.43 3.05 -5.94
N VAL B 81 -19.30 1.74 -5.75
CA VAL B 81 -18.87 1.17 -4.48
C VAL B 81 -17.79 0.13 -4.76
N PHE B 82 -16.69 0.20 -4.03
CA PHE B 82 -15.65 -0.82 -4.06
C PHE B 82 -15.61 -1.51 -2.69
N ALA B 83 -14.72 -2.49 -2.57
CA ALA B 83 -14.48 -3.18 -1.31
C ALA B 83 -13.11 -2.81 -0.76
N ILE B 84 -13.04 -2.61 0.56
CA ILE B 84 -11.77 -2.31 1.20
C ILE B 84 -10.95 -3.56 1.47
N ASN B 85 -11.58 -4.74 1.46
CA ASN B 85 -10.87 -6.02 1.51
C ASN B 85 -10.75 -6.63 0.12
N ASN B 86 -10.78 -5.79 -0.91
CA ASN B 86 -10.53 -6.21 -2.29
C ASN B 86 -9.38 -5.42 -2.88
N THR B 87 -9.29 -5.42 -4.21
CA THR B 87 -8.42 -4.52 -4.94
C THR B 87 -8.86 -4.52 -6.39
N LYS B 88 -9.20 -5.72 -6.90
CA LYS B 88 -9.86 -5.80 -8.20
C LYS B 88 -11.12 -4.93 -8.23
N SER B 89 -11.90 -4.97 -7.16
CA SER B 89 -13.08 -4.11 -7.07
C SER B 89 -12.70 -2.65 -6.97
N PHE B 90 -11.51 -2.35 -6.47
CA PHE B 90 -11.06 -0.97 -6.31
C PHE B 90 -10.45 -0.41 -7.59
N GLU B 91 -9.86 -1.27 -8.42
CA GLU B 91 -9.35 -0.87 -9.73
C GLU B 91 -10.43 -0.79 -10.79
N ASP B 92 -11.61 -1.36 -10.52
CA ASP B 92 -12.76 -1.25 -11.41
C ASP B 92 -13.49 0.08 -11.26
N ILE B 93 -13.00 0.99 -10.40
CA ILE B 93 -13.70 2.24 -10.17
C ILE B 93 -13.75 3.05 -11.46
N HIS B 94 -12.59 3.25 -12.10
CA HIS B 94 -12.55 3.95 -13.39
C HIS B 94 -13.49 3.31 -14.40
N HIS B 95 -13.53 1.97 -14.45
CA HIS B 95 -14.41 1.30 -15.40
C HIS B 95 -15.87 1.35 -14.97
N TYR B 96 -16.16 1.63 -13.71
CA TYR B 96 -17.53 1.95 -13.30
C TYR B 96 -17.78 3.46 -13.26
N ARG B 97 -16.71 4.24 -13.04
CA ARG B 97 -16.75 5.69 -13.15
C ARG B 97 -17.08 6.13 -14.57
N GLU B 98 -16.14 5.92 -15.49
CA GLU B 98 -16.34 6.30 -16.88
C GLU B 98 -17.60 5.70 -17.49
N GLN B 99 -18.08 4.55 -16.98
CA GLN B 99 -19.39 4.08 -17.41
C GLN B 99 -20.46 5.11 -17.09
N ILE B 100 -20.48 5.59 -15.84
CA ILE B 100 -21.51 6.53 -15.42
C ILE B 100 -21.41 7.84 -16.19
N LYS B 101 -20.19 8.33 -16.42
CA LYS B 101 -20.03 9.51 -17.25
C LYS B 101 -20.42 9.22 -18.70
N ARG B 102 -20.08 8.04 -19.22
CA ARG B 102 -20.37 7.73 -20.61
C ARG B 102 -21.86 7.80 -20.90
N VAL B 103 -22.68 7.17 -20.06
CA VAL B 103 -24.12 7.13 -20.33
C VAL B 103 -24.70 8.53 -20.22
N LYS B 104 -24.50 9.15 -19.06
CA LYS B 104 -25.00 10.51 -18.87
C LYS B 104 -24.29 11.52 -19.75
N ASP B 105 -23.31 11.09 -20.56
CA ASP B 105 -22.45 11.95 -21.37
C ASP B 105 -22.19 13.27 -20.66
N SER B 106 -21.69 13.16 -19.43
CA SER B 106 -21.50 14.30 -18.55
C SER B 106 -20.30 14.01 -17.66
N GLU B 107 -19.45 15.01 -17.48
CA GLU B 107 -18.30 14.88 -16.58
C GLU B 107 -18.60 15.36 -15.17
N ASP B 108 -19.87 15.72 -14.88
CA ASP B 108 -20.29 16.18 -13.55
C ASP B 108 -21.66 15.56 -13.26
N VAL B 109 -21.65 14.33 -12.76
CA VAL B 109 -22.86 13.61 -12.37
C VAL B 109 -22.76 13.31 -10.88
N PRO B 110 -23.79 13.59 -10.09
CA PRO B 110 -23.69 13.36 -8.64
C PRO B 110 -23.42 11.90 -8.31
N MET B 111 -22.50 11.67 -7.37
CA MET B 111 -22.02 10.34 -7.03
C MET B 111 -21.42 10.37 -5.64
N VAL B 112 -21.12 9.18 -5.11
CA VAL B 112 -20.30 9.05 -3.91
C VAL B 112 -19.64 7.68 -3.88
N LEU B 113 -18.30 7.67 -3.91
CA LEU B 113 -17.52 6.45 -3.83
C LEU B 113 -17.39 6.08 -2.36
N VAL B 114 -18.00 4.97 -1.97
CA VAL B 114 -17.95 4.53 -0.58
C VAL B 114 -17.07 3.29 -0.48
N GLY B 115 -16.45 3.10 0.67
CA GLY B 115 -15.64 1.93 0.93
C GLY B 115 -16.32 0.92 1.82
N ASN B 116 -16.88 -0.12 1.23
CA ASN B 116 -17.77 -1.03 1.94
C ASN B 116 -16.99 -2.11 2.69
N LYS B 117 -17.67 -2.71 3.67
CA LYS B 117 -17.15 -3.83 4.44
C LYS B 117 -15.89 -3.44 5.21
N CYS B 118 -15.88 -2.21 5.74
CA CYS B 118 -14.80 -1.76 6.60
C CYS B 118 -14.79 -2.46 7.96
N ASP B 119 -15.70 -3.40 8.20
CA ASP B 119 -15.74 -4.17 9.44
C ASP B 119 -14.70 -5.28 9.49
N LEU B 120 -13.96 -5.50 8.42
CA LEU B 120 -13.01 -6.61 8.47
C LEU B 120 -11.62 -6.10 8.82
N PRO B 121 -10.89 -6.80 9.70
CA PRO B 121 -9.44 -6.60 9.78
C PRO B 121 -8.70 -7.19 8.59
N SER B 122 -9.43 -7.84 7.69
CA SER B 122 -8.91 -8.38 6.44
C SER B 122 -8.66 -7.32 5.38
N ARG B 123 -8.17 -6.15 5.75
CA ARG B 123 -8.26 -4.99 4.87
C ARG B 123 -6.90 -4.53 4.37
N THR B 124 -6.89 -4.03 3.14
CA THR B 124 -5.71 -3.66 2.38
C THR B 124 -5.78 -2.24 1.83
N VAL B 125 -6.96 -1.83 1.35
CA VAL B 125 -7.13 -0.52 0.72
C VAL B 125 -7.15 0.55 1.79
N ASP B 126 -5.99 1.14 2.07
CA ASP B 126 -5.92 2.19 3.08
C ASP B 126 -6.82 3.36 2.70
N THR B 127 -7.26 4.11 3.74
CA THR B 127 -8.14 5.24 3.52
C THR B 127 -7.49 6.29 2.62
N LYS B 128 -6.15 6.31 2.54
CA LYS B 128 -5.44 7.15 1.59
C LYS B 128 -5.95 6.96 0.16
N GLN B 129 -5.68 5.79 -0.42
CA GLN B 129 -6.21 5.45 -1.74
C GLN B 129 -7.70 5.71 -1.80
N ALA B 130 -8.41 5.29 -0.76
CA ALA B 130 -9.84 5.54 -0.58
C ALA B 130 -10.16 6.99 -0.23
N GLN B 131 -9.40 7.93 -0.80
CA GLN B 131 -9.63 9.36 -0.60
C GLN B 131 -9.03 10.13 -1.78
N ASP B 132 -7.72 9.96 -1.99
CA ASP B 132 -7.06 10.58 -3.13
C ASP B 132 -7.79 10.27 -4.43
N LEU B 133 -8.31 9.05 -4.54
CA LEU B 133 -9.17 8.72 -5.68
C LEU B 133 -10.50 9.48 -5.59
N ALA B 134 -11.16 9.42 -4.42
CA ALA B 134 -12.42 10.15 -4.27
C ALA B 134 -12.19 11.65 -4.35
N ARG B 135 -11.05 12.12 -3.84
CA ARG B 135 -10.65 13.51 -4.05
C ARG B 135 -10.40 13.80 -5.52
N SER B 136 -10.05 12.78 -6.31
CA SER B 136 -9.79 12.94 -7.73
C SER B 136 -11.08 12.94 -8.55
N TYR B 137 -12.23 13.06 -7.89
CA TYR B 137 -13.46 13.52 -8.52
C TYR B 137 -14.21 14.41 -7.55
N GLY B 138 -13.53 14.91 -6.52
CA GLY B 138 -14.14 15.69 -5.47
C GLY B 138 -15.04 14.86 -4.58
N ILE B 139 -16.07 14.29 -5.20
CA ILE B 139 -17.18 13.53 -4.63
C ILE B 139 -16.86 12.81 -3.32
N PRO B 140 -17.82 12.79 -2.39
CA PRO B 140 -17.54 12.34 -1.02
C PRO B 140 -17.12 10.89 -0.94
N PHE B 141 -16.55 10.55 0.22
CA PHE B 141 -16.18 9.18 0.56
C PHE B 141 -16.65 8.85 1.97
N ILE B 142 -17.13 7.62 2.14
CA ILE B 142 -17.47 7.06 3.45
C ILE B 142 -17.02 5.61 3.47
N GLU B 143 -17.08 5.00 4.65
CA GLU B 143 -16.62 3.63 4.85
C GLU B 143 -17.72 2.83 5.56
N THR B 144 -18.50 2.08 4.79
CA THR B 144 -19.63 1.33 5.31
C THR B 144 -19.26 -0.12 5.64
N SER B 145 -20.20 -0.79 6.30
CA SER B 145 -20.11 -2.21 6.64
C SER B 145 -21.49 -2.73 7.02
N ALA B 146 -22.17 -3.43 6.10
CA ALA B 146 -23.56 -3.81 6.32
C ALA B 146 -23.73 -4.72 7.53
N LYS B 147 -22.66 -5.36 7.99
CA LYS B 147 -22.70 -6.12 9.22
C LYS B 147 -22.86 -5.23 10.44
N THR B 148 -22.74 -3.92 10.27
CA THR B 148 -22.68 -2.98 11.39
C THR B 148 -23.66 -1.84 11.21
N ARG B 149 -24.02 -1.54 9.95
CA ARG B 149 -24.77 -0.34 9.58
C ARG B 149 -23.97 0.92 9.92
N GLN B 150 -22.72 0.98 9.43
CA GLN B 150 -21.84 2.11 9.73
C GLN B 150 -22.30 3.36 8.98
N GLY B 151 -21.58 3.73 7.92
CA GLY B 151 -21.98 4.86 7.12
C GLY B 151 -22.98 4.42 6.07
N VAL B 152 -23.56 3.24 6.30
CA VAL B 152 -24.51 2.61 5.40
C VAL B 152 -25.55 3.63 4.97
N ASP B 153 -26.28 4.16 5.94
CA ASP B 153 -27.23 5.22 5.64
C ASP B 153 -26.50 6.50 5.25
N ASP B 154 -25.39 6.80 5.93
CA ASP B 154 -24.61 7.99 5.62
C ASP B 154 -24.18 7.99 4.16
N ALA B 155 -23.86 6.82 3.62
CA ALA B 155 -23.47 6.72 2.21
C ALA B 155 -24.61 7.18 1.31
N PHE B 156 -25.81 6.65 1.53
CA PHE B 156 -26.95 7.02 0.70
C PHE B 156 -27.36 8.48 0.97
N TYR B 157 -27.38 8.88 2.24
CA TYR B 157 -27.84 10.23 2.57
C TYR B 157 -26.96 11.28 1.90
N THR B 158 -25.64 11.07 1.93
CA THR B 158 -24.71 12.04 1.35
C THR B 158 -24.85 12.13 -0.16
N LEU B 159 -25.43 11.11 -0.80
CA LEU B 159 -25.72 11.19 -2.22
C LEU B 159 -26.84 12.17 -2.51
N VAL B 160 -27.85 12.22 -1.63
CA VAL B 160 -28.97 13.14 -1.81
C VAL B 160 -28.48 14.58 -1.89
N ARG B 161 -27.60 14.99 -0.96
CA ARG B 161 -27.05 16.34 -1.01
C ARG B 161 -26.37 16.58 -2.33
N GLU B 162 -25.66 15.57 -2.82
CA GLU B 162 -24.98 15.71 -4.09
C GLU B 162 -25.96 15.91 -5.23
N ILE B 163 -27.16 15.35 -5.10
CA ILE B 163 -28.20 15.59 -6.09
C ILE B 163 -28.78 16.99 -5.92
N ARG B 164 -29.05 17.39 -4.68
CA ARG B 164 -29.59 18.72 -4.40
C ARG B 164 -28.68 19.79 -4.97
N LYS B 165 -27.38 19.66 -4.75
CA LYS B 165 -26.38 20.60 -5.26
C LYS B 165 -26.48 20.78 -6.77
N HIS B 166 -26.23 19.69 -7.52
CA HIS B 166 -26.07 19.68 -8.97
C HIS B 166 -27.07 20.56 -9.70
N LYS B 167 -28.34 20.49 -9.30
CA LYS B 167 -29.37 21.31 -9.92
C LYS B 167 -29.12 22.79 -9.64
N GLU B 168 -29.17 23.17 -8.36
CA GLU B 168 -29.04 24.58 -7.98
C GLU B 168 -27.58 25.04 -8.03
N LEU C 1 -19.41 -15.18 -20.40
CA LEU C 1 -18.86 -14.44 -19.27
C LEU C 1 -19.87 -14.31 -18.14
N TYR C 2 -20.51 -15.44 -17.80
CA TYR C 2 -21.31 -15.55 -16.58
C TYR C 2 -20.64 -16.53 -15.62
N ASP C 3 -20.68 -17.84 -15.91
CA ASP C 3 -19.92 -18.87 -15.23
C ASP C 3 -20.29 -19.01 -13.75
N VAL C 4 -19.71 -20.03 -13.11
CA VAL C 4 -19.71 -20.16 -11.66
C VAL C 4 -18.29 -20.22 -11.11
N ALA C 5 -17.39 -20.88 -11.83
CA ALA C 5 -15.98 -20.88 -11.47
C ALA C 5 -15.29 -19.66 -12.08
N GLU D 3 3.84 -34.14 20.92
CA GLU D 3 2.54 -34.76 21.10
C GLU D 3 1.46 -33.71 20.82
N TYR D 4 1.49 -33.16 19.60
CA TYR D 4 0.62 -32.07 19.21
C TYR D 4 0.03 -32.34 17.84
N LYS D 5 -1.25 -32.00 17.68
CA LYS D 5 -1.98 -32.20 16.43
C LYS D 5 -2.24 -30.83 15.81
N LEU D 6 -1.48 -30.49 14.76
CA LEU D 6 -1.55 -29.19 14.12
C LEU D 6 -2.18 -29.30 12.74
N VAL D 7 -2.78 -28.19 12.30
CA VAL D 7 -3.38 -28.08 10.98
C VAL D 7 -2.80 -26.86 10.28
N VAL D 8 -2.70 -26.94 8.96
CA VAL D 8 -2.13 -25.87 8.15
C VAL D 8 -3.23 -25.44 7.19
N VAL D 9 -3.96 -24.38 7.54
CA VAL D 9 -5.03 -23.87 6.69
C VAL D 9 -4.47 -22.76 5.81
N GLY D 10 -5.05 -22.63 4.62
CA GLY D 10 -4.61 -21.62 3.68
C GLY D 10 -5.25 -21.85 2.32
N ALA D 11 -5.01 -20.90 1.43
CA ALA D 11 -5.52 -20.99 0.07
C ALA D 11 -4.55 -21.76 -0.82
N VAL D 12 -4.95 -21.97 -2.06
CA VAL D 12 -4.06 -22.61 -3.02
C VAL D 12 -3.09 -21.57 -3.54
N GLY D 13 -1.81 -21.94 -3.59
CA GLY D 13 -0.79 -21.06 -4.12
C GLY D 13 -0.08 -20.18 -3.10
N VAL D 14 -0.34 -20.36 -1.81
CA VAL D 14 0.41 -19.61 -0.80
C VAL D 14 1.70 -20.32 -0.41
N GLY D 15 1.67 -21.66 -0.37
CA GLY D 15 2.81 -22.42 0.12
C GLY D 15 2.41 -23.24 1.32
N LYS D 16 1.13 -23.63 1.39
CA LYS D 16 0.66 -24.51 2.45
C LYS D 16 1.53 -25.75 2.55
N SER D 17 1.71 -26.45 1.43
CA SER D 17 2.50 -27.67 1.48
C SER D 17 3.99 -27.38 1.66
N ALA D 18 4.48 -26.27 1.11
CA ALA D 18 5.91 -25.98 1.18
C ALA D 18 6.40 -25.85 2.62
N LEU D 19 5.54 -25.40 3.53
CA LEU D 19 5.92 -25.29 4.93
C LEU D 19 5.88 -26.63 5.65
N THR D 20 4.99 -27.53 5.23
CA THR D 20 4.85 -28.83 5.88
C THR D 20 5.88 -29.85 5.41
N ILE D 21 6.49 -29.64 4.25
CA ILE D 21 7.41 -30.62 3.67
C ILE D 21 8.84 -30.11 3.62
N GLN D 22 9.07 -28.86 4.03
CA GLN D 22 10.42 -28.38 4.26
C GLN D 22 10.83 -28.47 5.72
N LEU D 23 9.89 -28.25 6.65
CA LEU D 23 10.18 -28.51 8.06
C LEU D 23 10.35 -30.00 8.32
N ILE D 24 9.59 -30.85 7.62
CA ILE D 24 9.54 -32.27 7.92
C ILE D 24 10.49 -33.04 7.01
N GLN D 25 10.29 -32.94 5.69
CA GLN D 25 11.08 -33.70 4.74
C GLN D 25 12.36 -33.00 4.29
N ASN D 26 12.50 -31.72 4.58
CA ASN D 26 13.75 -30.97 4.40
C ASN D 26 14.22 -30.97 2.94
N HIS D 27 13.46 -30.25 2.11
CA HIS D 27 13.92 -29.71 0.83
C HIS D 27 12.80 -28.91 0.18
N PHE D 28 13.15 -27.88 -0.60
CA PHE D 28 12.16 -27.04 -1.24
C PHE D 28 11.35 -27.83 -2.26
N VAL D 29 10.07 -28.06 -1.93
CA VAL D 29 9.17 -28.77 -2.83
C VAL D 29 8.91 -27.91 -4.06
N ASP D 30 9.49 -28.31 -5.19
CA ASP D 30 9.37 -27.52 -6.42
C ASP D 30 7.91 -27.28 -6.80
N GLU D 31 7.02 -28.20 -6.41
CA GLU D 31 5.57 -28.07 -6.59
C GLU D 31 4.89 -29.25 -5.93
N TYR D 32 3.88 -28.98 -5.10
CA TYR D 32 3.09 -30.04 -4.47
C TYR D 32 1.66 -29.89 -4.94
N ASP D 33 1.10 -30.96 -5.49
CA ASP D 33 -0.28 -30.97 -5.95
C ASP D 33 -1.19 -30.63 -4.78
N PRO D 34 -1.79 -29.44 -4.76
CA PRO D 34 -2.55 -29.02 -3.58
C PRO D 34 -3.82 -29.82 -3.36
N THR D 35 -4.32 -30.51 -4.40
CA THR D 35 -5.58 -31.23 -4.31
C THR D 35 -5.45 -32.49 -3.46
N ILE D 36 -4.33 -32.65 -2.77
CA ILE D 36 -4.06 -33.79 -1.90
C ILE D 36 -3.65 -33.26 -0.54
N GLU D 37 -3.70 -34.16 0.46
CA GLU D 37 -3.40 -33.79 1.83
C GLU D 37 -3.21 -35.06 2.65
N ASP D 38 -1.97 -35.31 3.06
CA ASP D 38 -1.70 -36.33 4.07
C ASP D 38 -1.77 -35.71 5.46
N SER D 39 -1.69 -36.56 6.48
CA SER D 39 -1.59 -36.12 7.86
C SER D 39 -0.14 -36.28 8.30
N TYR D 40 0.69 -35.33 7.87
CA TYR D 40 2.12 -35.46 8.03
C TYR D 40 2.55 -35.29 9.49
N ARG D 41 3.72 -35.84 9.80
CA ARG D 41 4.20 -35.93 11.16
C ARG D 41 5.72 -35.86 11.16
N LYS D 42 6.27 -35.47 12.32
CA LYS D 42 7.71 -35.49 12.56
C LYS D 42 8.02 -35.08 13.99
N GLN D 43 8.87 -35.85 14.66
CA GLN D 43 9.38 -35.46 15.96
C GLN D 43 10.50 -34.44 15.76
N VAL D 44 10.56 -33.47 16.66
CA VAL D 44 11.69 -32.55 16.75
C VAL D 44 11.91 -32.24 18.22
N VAL D 45 13.16 -31.98 18.57
CA VAL D 45 13.46 -31.52 19.91
C VAL D 45 12.95 -30.09 20.02
N ILE D 46 11.63 -29.91 19.91
CA ILE D 46 11.04 -28.59 20.08
C ILE D 46 11.52 -27.99 21.37
N ASP D 47 11.83 -26.69 21.34
CA ASP D 47 11.88 -25.83 22.51
C ASP D 47 12.08 -26.59 23.81
N GLY D 48 13.32 -26.99 24.09
CA GLY D 48 13.69 -27.68 25.34
C GLY D 48 12.72 -28.77 25.74
N GLU D 49 12.26 -29.56 24.78
CA GLU D 49 11.17 -30.50 25.02
C GLU D 49 11.13 -31.47 23.85
N THR D 50 10.41 -32.56 24.04
CA THR D 50 10.40 -33.65 23.06
C THR D 50 8.95 -33.87 22.64
N CYS D 51 8.60 -33.37 21.46
CA CYS D 51 7.21 -33.35 21.02
C CYS D 51 7.09 -33.75 19.56
N LEU D 52 5.92 -34.27 19.21
CA LEU D 52 5.62 -34.88 17.92
C LEU D 52 4.63 -33.98 17.17
N LEU D 53 5.06 -33.46 16.03
CA LEU D 53 4.25 -32.59 15.18
C LEU D 53 3.47 -33.42 14.17
N ASP D 54 2.31 -33.92 14.57
CA ASP D 54 1.39 -34.58 13.65
C ASP D 54 0.59 -33.50 12.94
N ILE D 55 1.13 -32.99 11.83
CA ILE D 55 0.57 -31.83 11.15
C ILE D 55 -0.47 -32.27 10.13
N LEU D 56 -1.16 -31.31 9.51
CA LEU D 56 -2.17 -31.61 8.51
C LEU D 56 -2.23 -30.45 7.53
N ASP D 57 -1.90 -30.71 6.27
CA ASP D 57 -1.86 -29.67 5.23
C ASP D 57 -3.21 -29.64 4.50
N THR D 58 -4.19 -29.01 5.14
CA THR D 58 -5.54 -29.02 4.59
C THR D 58 -5.62 -28.17 3.32
N ALA D 59 -6.63 -28.47 2.50
CA ALA D 59 -6.83 -27.73 1.26
C ALA D 59 -8.32 -27.64 0.88
N GLY D 60 -9.20 -27.69 1.87
CA GLY D 60 -10.63 -27.57 1.64
C GLY D 60 -11.22 -28.59 0.68
N TYR D 71 -9.41 -34.17 12.81
CA TYR D 71 -8.43 -33.13 13.06
C TYR D 71 -9.06 -31.76 13.20
N MET D 72 -9.89 -31.38 12.23
CA MET D 72 -10.60 -30.10 12.30
C MET D 72 -11.59 -30.11 13.46
N ARG D 73 -11.07 -30.34 14.66
CA ARG D 73 -11.85 -30.59 15.88
C ARG D 73 -10.88 -30.83 17.03
N THR D 74 -9.79 -31.53 16.75
CA THR D 74 -8.68 -31.69 17.68
C THR D 74 -7.48 -30.87 17.23
N GLY D 75 -7.62 -30.06 16.19
CA GLY D 75 -6.58 -29.14 15.78
C GLY D 75 -6.15 -28.26 16.94
N GLU D 76 -5.15 -28.72 17.69
CA GLU D 76 -4.69 -27.97 18.85
C GLU D 76 -4.04 -26.66 18.43
N GLY D 77 -3.42 -26.63 17.26
CA GLY D 77 -2.88 -25.40 16.71
C GLY D 77 -3.03 -25.31 15.21
N PHE D 78 -3.79 -24.33 14.73
CA PHE D 78 -3.96 -24.11 13.30
C PHE D 78 -2.91 -23.13 12.79
N LEU D 79 -2.20 -23.54 11.73
CA LEU D 79 -1.20 -22.70 11.09
C LEU D 79 -1.87 -21.94 9.94
N CYS D 80 -2.57 -20.86 10.29
CA CYS D 80 -3.23 -20.03 9.31
C CYS D 80 -2.20 -19.16 8.60
N VAL D 81 -2.11 -19.33 7.28
CA VAL D 81 -0.96 -18.84 6.52
C VAL D 81 -1.47 -18.06 5.32
N PHE D 82 -0.88 -16.90 5.08
CA PHE D 82 -1.09 -16.18 3.84
C PHE D 82 0.25 -16.00 3.12
N ALA D 83 0.16 -15.62 1.85
CA ALA D 83 1.32 -15.36 1.02
C ALA D 83 1.57 -13.86 0.95
N ILE D 84 2.81 -13.44 1.24
CA ILE D 84 3.14 -12.02 1.13
C ILE D 84 3.27 -11.54 -0.29
N ASN D 85 3.25 -12.44 -1.27
CA ASN D 85 3.19 -12.10 -2.69
C ASN D 85 1.80 -12.35 -3.27
N ASN D 86 0.78 -12.39 -2.42
CA ASN D 86 -0.60 -12.50 -2.84
C ASN D 86 -1.39 -11.30 -2.35
N THR D 87 -2.70 -11.46 -2.26
CA THR D 87 -3.55 -10.50 -1.57
C THR D 87 -4.92 -11.13 -1.37
N LYS D 88 -5.44 -11.78 -2.43
CA LYS D 88 -6.63 -12.61 -2.27
C LYS D 88 -6.48 -13.57 -1.10
N SER D 89 -5.29 -14.17 -0.95
CA SER D 89 -5.04 -15.06 0.17
C SER D 89 -5.03 -14.29 1.49
N PHE D 90 -4.34 -13.15 1.51
CA PHE D 90 -4.32 -12.34 2.72
C PHE D 90 -5.70 -11.83 3.08
N GLU D 91 -6.56 -11.59 2.08
CA GLU D 91 -7.92 -11.17 2.37
C GLU D 91 -8.80 -12.32 2.85
N ASP D 92 -8.49 -13.55 2.43
CA ASP D 92 -9.28 -14.73 2.82
C ASP D 92 -9.07 -15.13 4.27
N ILE D 93 -8.18 -14.47 5.01
CA ILE D 93 -7.84 -14.97 6.34
C ILE D 93 -9.07 -14.96 7.24
N HIS D 94 -9.92 -13.94 7.14
CA HIS D 94 -11.18 -13.96 7.88
C HIS D 94 -12.02 -15.16 7.48
N HIS D 95 -12.23 -15.33 6.17
CA HIS D 95 -12.86 -16.55 5.68
C HIS D 95 -12.21 -17.80 6.27
N TYR D 96 -10.92 -17.73 6.60
CA TYR D 96 -10.25 -18.81 7.34
C TYR D 96 -10.15 -18.56 8.84
N ARG D 97 -10.09 -17.30 9.30
CA ARG D 97 -10.20 -17.03 10.73
C ARG D 97 -11.50 -17.58 11.29
N GLU D 98 -12.63 -17.17 10.69
CA GLU D 98 -13.91 -17.60 11.22
C GLU D 98 -14.12 -19.10 11.06
N GLN D 99 -13.58 -19.71 9.99
CA GLN D 99 -13.68 -21.15 9.83
C GLN D 99 -13.23 -21.87 11.09
N ILE D 100 -12.02 -21.55 11.55
CA ILE D 100 -11.45 -22.25 12.71
C ILE D 100 -12.26 -21.96 13.97
N LYS D 101 -12.63 -20.69 14.18
CA LYS D 101 -13.48 -20.36 15.33
C LYS D 101 -14.87 -20.95 15.18
N ARG D 102 -15.37 -21.04 13.95
CA ARG D 102 -16.67 -21.67 13.70
C ARG D 102 -16.67 -23.10 14.23
N VAL D 103 -15.76 -23.94 13.75
CA VAL D 103 -15.75 -25.35 14.15
C VAL D 103 -15.60 -25.47 15.65
N LYS D 104 -14.51 -24.94 16.17
CA LYS D 104 -14.21 -25.01 17.59
C LYS D 104 -15.19 -24.23 18.45
N ASP D 105 -16.18 -23.54 17.82
CA ASP D 105 -17.18 -22.73 18.50
C ASP D 105 -16.56 -21.96 19.66
N SER D 106 -15.38 -21.39 19.42
CA SER D 106 -14.62 -20.70 20.45
C SER D 106 -13.93 -19.50 19.81
N GLU D 107 -13.91 -18.39 20.55
CA GLU D 107 -13.23 -17.19 20.11
C GLU D 107 -11.78 -17.15 20.60
N ASP D 108 -11.28 -18.23 21.20
CA ASP D 108 -9.92 -18.30 21.73
C ASP D 108 -9.35 -19.67 21.35
N VAL D 109 -8.71 -19.74 20.18
CA VAL D 109 -8.06 -20.95 19.71
C VAL D 109 -6.60 -20.63 19.39
N PRO D 110 -5.63 -21.39 19.90
CA PRO D 110 -4.22 -21.10 19.60
C PRO D 110 -3.93 -21.18 18.11
N MET D 111 -3.34 -20.11 17.59
CA MET D 111 -2.98 -20.06 16.18
C MET D 111 -1.84 -19.07 16.01
N VAL D 112 -1.24 -19.08 14.82
CA VAL D 112 -0.21 -18.11 14.48
C VAL D 112 -0.26 -17.81 12.99
N LEU D 113 -0.51 -16.55 12.66
CA LEU D 113 -0.59 -16.11 11.27
C LEU D 113 0.83 -15.86 10.79
N VAL D 114 1.27 -16.62 9.79
CA VAL D 114 2.61 -16.45 9.25
C VAL D 114 2.50 -15.95 7.81
N GLY D 115 3.45 -15.10 7.43
CA GLY D 115 3.53 -14.63 6.07
C GLY D 115 4.52 -15.44 5.26
N ASN D 116 4.01 -16.33 4.42
CA ASN D 116 4.86 -17.28 3.72
C ASN D 116 5.46 -16.67 2.46
N LYS D 117 6.64 -17.19 2.08
CA LYS D 117 7.32 -16.84 0.85
C LYS D 117 7.84 -15.39 0.87
N CYS D 118 8.37 -14.97 2.02
CA CYS D 118 8.98 -13.66 2.14
C CYS D 118 10.27 -13.53 1.35
N ASP D 119 10.69 -14.59 0.67
CA ASP D 119 11.93 -14.57 -0.12
C ASP D 119 11.77 -13.83 -1.44
N LEU D 120 10.55 -13.66 -1.93
CA LEU D 120 10.33 -13.07 -3.23
C LEU D 120 10.32 -11.55 -3.15
N PRO D 121 10.99 -10.88 -4.10
CA PRO D 121 10.99 -9.42 -4.10
C PRO D 121 9.70 -8.81 -4.61
N SER D 122 8.78 -9.61 -5.15
CA SER D 122 7.46 -9.11 -5.57
C SER D 122 6.48 -9.20 -4.41
N ARG D 123 6.69 -8.33 -3.44
CA ARG D 123 5.84 -8.33 -2.27
C ARG D 123 5.10 -7.01 -2.14
N THR D 124 3.82 -7.12 -1.83
CA THR D 124 2.84 -6.04 -1.72
C THR D 124 2.22 -5.98 -0.35
N VAL D 125 1.96 -7.13 0.28
CA VAL D 125 1.38 -7.20 1.61
C VAL D 125 2.48 -6.89 2.62
N ASP D 126 2.62 -5.61 2.97
CA ASP D 126 3.69 -5.17 3.86
C ASP D 126 3.54 -5.82 5.24
N THR D 127 4.63 -5.73 6.01
CA THR D 127 4.63 -6.28 7.36
C THR D 127 3.63 -5.59 8.26
N LYS D 128 3.26 -4.34 7.96
CA LYS D 128 2.23 -3.65 8.72
C LYS D 128 0.92 -4.43 8.72
N GLN D 129 0.33 -4.59 7.54
CA GLN D 129 -0.83 -5.47 7.38
C GLN D 129 -0.58 -6.82 8.03
N ALA D 130 0.63 -7.35 7.85
CA ALA D 130 1.06 -8.61 8.42
C ALA D 130 1.44 -8.45 9.89
N GLN D 131 0.78 -7.52 10.58
CA GLN D 131 0.98 -7.31 12.02
C GLN D 131 -0.30 -6.79 12.66
N ASP D 132 -0.78 -5.63 12.21
CA ASP D 132 -2.03 -5.10 12.75
C ASP D 132 -3.17 -6.11 12.62
N LEU D 133 -3.15 -6.92 11.56
CA LEU D 133 -4.05 -8.06 11.50
C LEU D 133 -3.69 -9.08 12.58
N ALA D 134 -2.43 -9.50 12.62
CA ALA D 134 -1.99 -10.43 13.65
C ALA D 134 -2.11 -9.81 15.04
N ARG D 135 -1.95 -8.49 15.13
CA ARG D 135 -2.18 -7.80 16.40
C ARG D 135 -3.64 -7.78 16.79
N SER D 136 -4.56 -7.96 15.82
CA SER D 136 -5.98 -8.00 16.09
C SER D 136 -6.47 -9.38 16.52
N TYR D 137 -5.56 -10.22 16.99
CA TYR D 137 -5.90 -11.38 17.80
C TYR D 137 -4.83 -11.67 18.85
N GLY D 138 -3.75 -10.90 18.88
CA GLY D 138 -2.67 -11.14 19.81
C GLY D 138 -1.72 -12.21 19.30
N ILE D 139 -2.27 -13.14 18.51
CA ILE D 139 -1.54 -14.36 18.14
C ILE D 139 -0.31 -14.00 17.33
N PRO D 140 0.79 -14.71 17.48
CA PRO D 140 2.08 -14.27 16.94
C PRO D 140 2.07 -14.22 15.42
N PHE D 141 3.11 -13.57 14.88
CA PHE D 141 3.35 -13.50 13.45
C PHE D 141 4.82 -13.76 13.15
N ILE D 142 5.07 -14.47 12.04
CA ILE D 142 6.41 -14.70 11.50
C ILE D 142 6.33 -14.61 9.98
N GLU D 143 7.48 -14.72 9.31
CA GLU D 143 7.60 -14.52 7.86
C GLU D 143 8.44 -15.65 7.26
N THR D 144 7.78 -16.72 6.80
CA THR D 144 8.53 -17.86 6.27
C THR D 144 8.75 -17.76 4.76
N SER D 145 9.54 -18.71 4.26
CA SER D 145 9.82 -18.90 2.85
C SER D 145 10.53 -20.24 2.71
N ALA D 146 9.81 -21.26 2.24
CA ALA D 146 10.35 -22.62 2.26
C ALA D 146 11.58 -22.77 1.37
N LYS D 147 11.82 -21.82 0.46
CA LYS D 147 13.05 -21.79 -0.31
C LYS D 147 14.26 -21.51 0.56
N THR D 148 14.06 -21.12 1.82
CA THR D 148 15.13 -20.63 2.67
C THR D 148 15.16 -21.36 4.01
N ARG D 149 14.02 -21.90 4.44
CA ARG D 149 13.84 -22.43 5.79
C ARG D 149 14.02 -21.32 6.83
N GLN D 150 13.37 -20.18 6.60
CA GLN D 150 13.51 -19.05 7.50
C GLN D 150 12.77 -19.31 8.80
N GLY D 151 11.61 -18.68 8.97
CA GLY D 151 10.82 -18.92 10.17
C GLY D 151 9.98 -20.16 10.00
N VAL D 152 10.37 -20.99 9.02
CA VAL D 152 9.60 -22.19 8.68
C VAL D 152 9.35 -23.02 9.93
N ASP D 153 10.44 -23.41 10.62
CA ASP D 153 10.28 -24.12 11.88
C ASP D 153 9.80 -23.19 12.98
N ASP D 154 10.21 -21.92 12.93
CA ASP D 154 9.76 -20.95 13.93
C ASP D 154 8.23 -20.85 13.95
N ALA D 155 7.60 -20.94 12.77
CA ALA D 155 6.15 -20.87 12.71
C ALA D 155 5.51 -22.04 13.43
N PHE D 156 5.96 -23.26 13.13
CA PHE D 156 5.41 -24.44 13.79
C PHE D 156 5.79 -24.47 15.27
N TYR D 157 7.04 -24.10 15.58
CA TYR D 157 7.49 -24.12 16.97
C TYR D 157 6.68 -23.17 17.83
N THR D 158 6.49 -21.93 17.34
CA THR D 158 5.79 -20.92 18.13
C THR D 158 4.33 -21.28 18.34
N LEU D 159 3.75 -22.02 17.39
CA LEU D 159 2.41 -22.56 17.59
C LEU D 159 2.34 -23.43 18.85
N VAL D 160 3.37 -24.23 19.09
CA VAL D 160 3.40 -25.10 20.26
C VAL D 160 3.28 -24.28 21.54
N ARG D 161 4.02 -23.17 21.60
CA ARG D 161 3.91 -22.26 22.74
C ARG D 161 2.48 -21.81 22.95
N GLU D 162 1.75 -21.58 21.85
CA GLU D 162 0.37 -21.13 21.95
C GLU D 162 -0.54 -22.23 22.48
N ILE D 163 -0.23 -23.49 22.18
CA ILE D 163 -1.02 -24.60 22.71
C ILE D 163 -0.78 -24.76 24.20
N ARG D 164 0.49 -24.79 24.60
CA ARG D 164 0.85 -24.87 26.02
C ARG D 164 0.14 -23.78 26.81
N LYS D 165 0.15 -22.55 26.28
CA LYS D 165 -0.48 -21.40 26.90
C LYS D 165 -1.96 -21.65 27.21
N HIS D 166 -2.75 -21.85 26.15
CA HIS D 166 -4.20 -21.97 26.28
C HIS D 166 -4.61 -22.93 27.38
N LYS D 167 -3.92 -24.07 27.50
CA LYS D 167 -4.24 -25.04 28.53
C LYS D 167 -4.03 -24.44 29.92
N GLU D 168 -2.81 -24.02 30.23
CA GLU D 168 -2.48 -23.47 31.54
C GLU D 168 -3.06 -22.06 31.71
N MET E 1 28.52 4.62 -13.94
CA MET E 1 27.86 4.93 -12.68
C MET E 1 28.87 4.60 -11.58
N THR E 2 28.38 4.30 -10.38
CA THR E 2 29.24 3.89 -9.28
C THR E 2 28.70 2.56 -8.76
N GLU E 3 29.34 1.48 -9.15
CA GLU E 3 28.98 0.12 -8.76
C GLU E 3 30.12 -0.50 -7.98
N TYR E 4 29.80 -1.57 -7.26
CA TYR E 4 30.81 -2.38 -6.57
C TYR E 4 30.31 -3.81 -6.52
N LYS E 5 31.14 -4.74 -6.96
CA LYS E 5 30.81 -6.17 -7.01
C LYS E 5 31.51 -6.85 -5.85
N LEU E 6 30.76 -7.20 -4.81
CA LEU E 6 31.29 -7.75 -3.57
C LEU E 6 30.94 -9.23 -3.45
N VAL E 7 31.75 -9.95 -2.67
CA VAL E 7 31.52 -11.35 -2.37
C VAL E 7 31.68 -11.59 -0.88
N VAL E 8 30.84 -12.46 -0.32
CA VAL E 8 30.83 -12.79 1.09
C VAL E 8 31.28 -14.25 1.21
N VAL E 9 32.53 -14.47 1.59
CA VAL E 9 33.01 -15.83 1.78
C VAL E 9 33.03 -16.13 3.27
N GLY E 10 32.92 -17.41 3.59
CA GLY E 10 32.93 -17.84 4.98
C GLY E 10 32.52 -19.28 5.08
N ALA E 11 32.57 -19.79 6.30
CA ALA E 11 32.16 -21.16 6.56
C ALA E 11 30.64 -21.25 6.67
N VAL E 12 30.16 -22.45 6.97
CA VAL E 12 28.73 -22.66 7.20
C VAL E 12 28.44 -22.48 8.68
N GLY E 13 27.38 -21.75 8.98
CA GLY E 13 26.98 -21.50 10.35
C GLY E 13 27.47 -20.20 10.96
N VAL E 14 28.24 -19.40 10.23
CA VAL E 14 28.70 -18.13 10.75
C VAL E 14 27.63 -17.07 10.59
N GLY E 15 26.95 -17.07 9.45
CA GLY E 15 25.97 -16.04 9.15
C GLY E 15 26.39 -15.23 7.94
N LYS E 16 27.02 -15.90 6.96
CA LYS E 16 27.42 -15.22 5.74
C LYS E 16 26.22 -14.49 5.12
N SER E 17 25.10 -15.20 4.99
CA SER E 17 23.92 -14.61 4.39
C SER E 17 23.23 -13.64 5.34
N ALA E 18 23.27 -13.92 6.64
CA ALA E 18 22.63 -13.04 7.61
C ALA E 18 23.12 -11.61 7.48
N LEU E 19 24.41 -11.43 7.16
CA LEU E 19 24.92 -10.09 6.86
C LEU E 19 24.48 -9.61 5.49
N THR E 20 24.36 -10.51 4.52
CA THR E 20 23.89 -10.12 3.20
C THR E 20 22.42 -9.76 3.21
N ILE E 21 21.62 -10.41 4.05
CA ILE E 21 20.17 -10.23 4.01
C ILE E 21 19.66 -9.31 5.11
N GLN E 22 20.50 -8.96 6.09
CA GLN E 22 20.12 -7.91 7.03
C GLN E 22 20.45 -6.54 6.50
N LEU E 23 21.62 -6.38 5.86
CA LEU E 23 21.96 -5.10 5.25
C LEU E 23 21.03 -4.79 4.08
N ILE E 24 20.61 -5.82 3.34
CA ILE E 24 19.85 -5.58 2.12
C ILE E 24 18.36 -5.69 2.39
N GLN E 25 17.90 -6.84 2.88
CA GLN E 25 16.47 -7.06 3.04
C GLN E 25 15.92 -6.62 4.39
N ASN E 26 16.77 -6.25 5.34
CA ASN E 26 16.37 -5.60 6.60
C ASN E 26 15.39 -6.46 7.41
N HIS E 27 15.92 -7.59 7.89
CA HIS E 27 15.34 -8.33 9.01
C HIS E 27 16.23 -9.54 9.32
N PHE E 28 16.27 -9.93 10.60
CA PHE E 28 17.16 -10.99 11.05
C PHE E 28 16.74 -12.33 10.46
N VAL E 29 17.56 -12.86 9.56
CA VAL E 29 17.33 -14.20 9.01
C VAL E 29 17.52 -15.21 10.13
N ASP E 30 16.42 -15.82 10.58
CA ASP E 30 16.50 -16.83 11.63
C ASP E 30 17.30 -18.04 11.15
N GLU E 31 17.10 -18.44 9.89
CA GLU E 31 17.90 -19.48 9.26
C GLU E 31 17.74 -19.40 7.75
N TYR E 32 18.87 -19.34 7.03
CA TYR E 32 18.85 -19.34 5.57
C TYR E 32 19.51 -20.61 5.08
N ASP E 33 18.89 -21.26 4.08
CA ASP E 33 19.42 -22.49 3.52
C ASP E 33 20.85 -22.25 3.05
N PRO E 34 21.85 -22.86 3.70
CA PRO E 34 23.23 -22.63 3.30
C PRO E 34 23.58 -23.25 1.96
N THR E 35 22.69 -24.05 1.37
CA THR E 35 22.96 -24.73 0.11
C THR E 35 22.61 -23.89 -1.11
N ILE E 36 22.25 -22.63 -0.93
CA ILE E 36 21.92 -21.76 -2.05
C ILE E 36 22.73 -20.49 -1.94
N GLU E 37 22.82 -19.77 -3.06
CA GLU E 37 23.61 -18.55 -3.11
C GLU E 37 23.21 -17.73 -4.33
N ASP E 38 22.47 -16.67 -4.11
CA ASP E 38 22.08 -15.75 -5.16
C ASP E 38 22.99 -14.53 -5.15
N SER E 39 22.98 -13.78 -6.24
CA SER E 39 23.80 -12.57 -6.35
C SER E 39 22.92 -11.37 -5.97
N TYR E 40 22.82 -11.14 -4.66
CA TYR E 40 22.01 -10.05 -4.16
C TYR E 40 22.61 -8.70 -4.53
N ARG E 41 21.82 -7.66 -4.35
CA ARG E 41 22.18 -6.31 -4.76
C ARG E 41 21.35 -5.31 -3.96
N LYS E 42 21.82 -4.06 -3.96
CA LYS E 42 21.08 -2.97 -3.34
C LYS E 42 21.82 -1.65 -3.54
N GLN E 43 21.08 -0.59 -3.86
CA GLN E 43 21.62 0.76 -3.89
C GLN E 43 21.50 1.38 -2.50
N VAL E 44 22.58 2.01 -2.04
CA VAL E 44 22.61 2.70 -0.77
C VAL E 44 23.37 4.00 -0.93
N VAL E 45 23.05 4.96 -0.07
CA VAL E 45 23.75 6.24 -0.07
C VAL E 45 25.09 6.04 0.64
N ILE E 46 25.93 5.17 0.07
CA ILE E 46 27.27 4.96 0.62
C ILE E 46 27.98 6.28 0.72
N ASP E 47 28.51 6.56 1.91
CA ASP E 47 29.67 7.44 2.09
C ASP E 47 29.74 8.56 1.06
N GLY E 48 28.96 9.63 1.26
CA GLY E 48 28.96 10.78 0.39
C GLY E 48 29.04 10.45 -1.09
N GLU E 49 28.29 9.45 -1.51
CA GLU E 49 28.40 8.89 -2.84
C GLU E 49 27.14 8.08 -3.09
N THR E 50 26.98 7.59 -4.31
CA THR E 50 25.83 6.78 -4.68
C THR E 50 26.36 5.51 -5.36
N CYS E 51 26.36 4.41 -4.63
CA CYS E 51 27.03 3.18 -5.05
C CYS E 51 26.08 2.00 -4.95
N LEU E 52 26.34 0.99 -5.78
CA LEU E 52 25.45 -0.17 -5.95
C LEU E 52 26.17 -1.43 -5.50
N LEU E 53 25.70 -2.03 -4.40
CA LEU E 53 26.29 -3.23 -3.82
C LEU E 53 25.66 -4.48 -4.43
N ASP E 54 26.22 -4.95 -5.54
CA ASP E 54 25.84 -6.26 -6.06
C ASP E 54 26.67 -7.31 -5.32
N ILE E 55 26.08 -7.91 -4.30
CA ILE E 55 26.80 -8.78 -3.39
C ILE E 55 26.66 -10.23 -3.85
N LEU E 56 27.41 -11.13 -3.21
CA LEU E 56 27.33 -12.56 -3.54
C LEU E 56 27.71 -13.34 -2.28
N ASP E 57 26.71 -13.86 -1.58
CA ASP E 57 26.95 -14.85 -0.54
C ASP E 57 27.43 -16.13 -1.20
N THR E 58 28.69 -16.49 -1.03
CA THR E 58 29.17 -17.75 -1.56
C THR E 58 29.09 -18.82 -0.48
N ALA E 59 28.78 -20.05 -0.89
CA ALA E 59 28.58 -21.15 0.05
C ALA E 59 28.91 -22.49 -0.58
N MET E 67 27.84 -17.33 -13.69
CA MET E 67 28.28 -16.06 -13.09
C MET E 67 29.31 -16.24 -11.99
N ARG E 68 29.26 -17.37 -11.28
CA ARG E 68 30.09 -17.52 -10.08
C ARG E 68 31.57 -17.37 -10.41
N ASP E 69 31.98 -17.76 -11.62
CA ASP E 69 33.29 -17.36 -12.10
C ASP E 69 33.36 -15.84 -12.26
N GLN E 70 32.37 -15.25 -12.93
CA GLN E 70 32.39 -13.81 -13.20
C GLN E 70 32.53 -12.99 -11.92
N TYR E 71 32.09 -13.52 -10.78
CA TYR E 71 32.24 -12.82 -9.50
C TYR E 71 33.57 -13.17 -8.83
N MET E 72 33.72 -14.44 -8.45
CA MET E 72 35.01 -14.87 -7.90
C MET E 72 36.11 -14.78 -8.96
N ARG E 73 36.38 -13.55 -9.40
CA ARG E 73 37.35 -13.24 -10.46
C ARG E 73 37.38 -11.73 -10.66
N THR E 74 36.21 -11.09 -10.51
CA THR E 74 36.11 -9.64 -10.36
C THR E 74 35.48 -9.28 -9.02
N GLY E 75 35.59 -10.17 -8.02
CA GLY E 75 35.27 -9.81 -6.67
C GLY E 75 36.12 -8.62 -6.27
N GLU E 76 35.57 -7.43 -6.51
CA GLU E 76 36.32 -6.20 -6.25
C GLU E 76 36.68 -6.08 -4.77
N GLY E 77 35.84 -6.62 -3.89
CA GLY E 77 36.14 -6.73 -2.48
C GLY E 77 35.45 -7.93 -1.87
N PHE E 78 36.22 -8.79 -1.22
CA PHE E 78 35.68 -9.99 -0.59
C PHE E 78 35.43 -9.77 0.89
N LEU E 79 34.27 -10.25 1.35
CA LEU E 79 33.88 -10.14 2.75
C LEU E 79 34.15 -11.48 3.41
N CYS E 80 35.41 -11.71 3.74
CA CYS E 80 35.82 -12.94 4.41
C CYS E 80 35.47 -12.84 5.89
N VAL E 81 34.63 -13.76 6.37
CA VAL E 81 33.87 -13.55 7.60
C VAL E 81 34.00 -14.79 8.47
N PHE E 82 34.28 -14.61 9.75
CA PHE E 82 34.28 -15.70 10.71
C PHE E 82 33.26 -15.43 11.81
N ALA E 83 32.93 -16.48 12.55
CA ALA E 83 32.04 -16.35 13.70
C ALA E 83 32.87 -16.22 14.97
N ILE E 84 32.47 -15.27 15.83
CA ILE E 84 33.17 -15.03 17.08
C ILE E 84 32.80 -16.03 18.16
N ASN E 85 31.72 -16.79 17.98
CA ASN E 85 31.41 -17.92 18.84
C ASN E 85 31.81 -19.25 18.20
N ASN E 86 32.83 -19.23 17.35
CA ASN E 86 33.35 -20.41 16.66
C ASN E 86 34.84 -20.56 16.96
N THR E 87 35.49 -21.43 16.20
CA THR E 87 36.94 -21.55 16.20
C THR E 87 37.35 -22.24 14.90
N LYS E 88 36.57 -23.24 14.48
CA LYS E 88 36.80 -23.85 13.17
C LYS E 88 36.68 -22.82 12.05
N SER E 89 35.61 -22.02 12.07
CA SER E 89 35.45 -20.96 11.08
C SER E 89 36.59 -19.96 11.16
N PHE E 90 37.05 -19.66 12.38
CA PHE E 90 38.19 -18.78 12.56
C PHE E 90 39.51 -19.42 12.16
N GLU E 91 39.56 -20.75 12.12
CA GLU E 91 40.75 -21.41 11.59
C GLU E 91 40.69 -21.59 10.09
N ASP E 92 39.49 -21.61 9.52
CA ASP E 92 39.31 -21.56 8.07
C ASP E 92 39.60 -20.15 7.55
N ILE E 93 40.11 -19.26 8.41
CA ILE E 93 40.65 -17.99 7.91
C ILE E 93 41.68 -18.27 6.82
N HIS E 94 42.84 -18.83 7.19
CA HIS E 94 43.89 -19.05 6.21
C HIS E 94 43.43 -19.87 5.01
N HIS E 95 42.28 -20.54 5.07
CA HIS E 95 41.90 -21.34 3.92
C HIS E 95 41.09 -20.55 2.90
N TYR E 96 40.23 -19.63 3.35
CA TYR E 96 39.55 -18.76 2.39
C TYR E 96 40.33 -17.51 2.01
N ARG E 97 41.40 -17.13 2.72
CA ARG E 97 42.15 -15.96 2.24
C ARG E 97 43.23 -16.37 1.23
N GLU E 98 43.92 -17.49 1.48
CA GLU E 98 44.71 -18.07 0.41
C GLU E 98 43.84 -18.35 -0.79
N GLN E 99 42.60 -18.82 -0.57
CA GLN E 99 41.67 -19.03 -1.67
C GLN E 99 41.48 -17.76 -2.49
N ILE E 100 41.22 -16.64 -1.80
CA ILE E 100 40.94 -15.40 -2.52
C ILE E 100 42.20 -14.90 -3.24
N LYS E 101 43.37 -15.03 -2.61
CA LYS E 101 44.61 -14.63 -3.25
C LYS E 101 45.11 -15.64 -4.27
N ARG E 102 44.65 -16.89 -4.20
CA ARG E 102 44.94 -17.87 -5.25
C ARG E 102 44.28 -17.47 -6.57
N VAL E 103 42.96 -17.23 -6.56
CA VAL E 103 42.23 -16.97 -7.81
C VAL E 103 42.73 -15.67 -8.41
N LYS E 104 42.57 -14.59 -7.66
CA LYS E 104 43.01 -13.27 -8.08
C LYS E 104 44.50 -13.20 -8.32
N ASP E 105 45.23 -14.31 -8.09
CA ASP E 105 46.70 -14.36 -8.15
C ASP E 105 47.31 -13.04 -7.72
N SER E 106 46.83 -12.51 -6.61
CA SER E 106 47.30 -11.24 -6.09
C SER E 106 47.43 -11.32 -4.58
N GLU E 107 48.53 -10.79 -4.06
CA GLU E 107 48.72 -10.72 -2.62
C GLU E 107 48.15 -9.44 -2.04
N ASP E 108 47.51 -8.61 -2.87
CA ASP E 108 46.93 -7.32 -2.47
C ASP E 108 45.54 -7.26 -3.09
N VAL E 109 44.57 -7.88 -2.42
CA VAL E 109 43.17 -7.84 -2.82
C VAL E 109 42.39 -7.13 -1.72
N PRO E 110 41.65 -6.08 -2.02
CA PRO E 110 40.85 -5.39 -0.99
C PRO E 110 39.86 -6.33 -0.32
N MET E 111 39.90 -6.37 1.01
CA MET E 111 39.04 -7.25 1.79
C MET E 111 38.83 -6.63 3.16
N VAL E 112 37.88 -7.19 3.91
CA VAL E 112 37.70 -6.82 5.30
C VAL E 112 37.21 -8.02 6.11
N LEU E 113 37.99 -8.38 7.13
CA LEU E 113 37.68 -9.50 8.02
C LEU E 113 36.77 -8.97 9.12
N VAL E 114 35.54 -9.47 9.18
CA VAL E 114 34.61 -9.04 10.22
C VAL E 114 34.35 -10.18 11.19
N GLY E 115 34.12 -9.82 12.45
CA GLY E 115 33.74 -10.80 13.45
C GLY E 115 32.25 -10.82 13.66
N ASN E 116 31.57 -11.77 13.04
CA ASN E 116 30.11 -11.78 13.01
C ASN E 116 29.56 -12.41 14.27
N LYS E 117 28.31 -12.06 14.57
CA LYS E 117 27.55 -12.66 15.68
C LYS E 117 28.16 -12.28 17.03
N CYS E 118 28.70 -11.05 17.13
CA CYS E 118 29.27 -10.64 18.42
C CYS E 118 28.19 -10.29 19.46
N ASP E 119 26.93 -10.60 19.16
CA ASP E 119 25.82 -10.41 20.08
C ASP E 119 25.78 -11.48 21.17
N LEU E 120 26.47 -12.59 20.98
CA LEU E 120 26.37 -13.73 21.90
C LEU E 120 27.36 -13.57 23.05
N PRO E 121 26.93 -13.90 24.27
CA PRO E 121 27.86 -13.97 25.39
C PRO E 121 28.70 -15.24 25.36
N SER E 122 28.37 -16.19 24.47
CA SER E 122 29.11 -17.45 24.36
C SER E 122 30.26 -17.32 23.37
N ARG E 123 31.21 -16.47 23.69
CA ARG E 123 32.24 -16.15 22.73
C ARG E 123 33.62 -16.51 23.27
N THR E 124 34.48 -16.97 22.38
CA THR E 124 35.77 -17.51 22.74
C THR E 124 36.89 -16.77 22.02
N VAL E 125 36.59 -16.27 20.82
CA VAL E 125 37.58 -15.60 19.99
C VAL E 125 37.62 -14.15 20.43
N ASP E 126 38.54 -13.85 21.34
CA ASP E 126 38.68 -12.48 21.83
C ASP E 126 39.03 -11.54 20.69
N THR E 127 38.77 -10.24 20.91
CA THR E 127 39.06 -9.22 19.90
C THR E 127 40.55 -9.18 19.56
N LYS E 128 41.41 -9.68 20.45
CA LYS E 128 42.84 -9.79 20.18
C LYS E 128 43.13 -10.62 18.94
N GLN E 129 42.76 -11.91 18.99
CA GLN E 129 42.79 -12.77 17.81
C GLN E 129 42.16 -12.07 16.62
N ALA E 130 41.03 -11.43 16.86
CA ALA E 130 40.25 -10.77 15.82
C ALA E 130 40.80 -9.38 15.54
N GLN E 131 42.12 -9.24 15.64
CA GLN E 131 42.80 -8.00 15.29
C GLN E 131 44.20 -8.33 14.77
N ASP E 132 45.01 -8.98 15.62
CA ASP E 132 46.36 -9.39 15.21
C ASP E 132 46.33 -10.13 13.88
N LEU E 133 45.30 -10.94 13.66
CA LEU E 133 45.12 -11.60 12.37
C LEU E 133 44.75 -10.59 11.29
N ALA E 134 43.71 -9.78 11.54
CA ALA E 134 43.36 -8.72 10.61
C ALA E 134 44.49 -7.71 10.46
N ARG E 135 45.29 -7.53 11.52
CA ARG E 135 46.51 -6.75 11.42
C ARG E 135 47.57 -7.43 10.58
N SER E 136 47.51 -8.76 10.45
CA SER E 136 48.42 -9.51 9.60
C SER E 136 47.92 -9.62 8.16
N TYR E 137 47.02 -8.73 7.75
CA TYR E 137 46.87 -8.34 6.36
C TYR E 137 46.58 -6.86 6.26
N GLY E 138 46.64 -6.14 7.38
CA GLY E 138 46.32 -4.72 7.43
C GLY E 138 44.83 -4.47 7.39
N ILE E 139 44.11 -5.33 6.69
CA ILE E 139 42.72 -5.07 6.29
C ILE E 139 41.85 -4.87 7.53
N PRO E 140 40.81 -4.05 7.41
CA PRO E 140 40.07 -3.63 8.61
C PRO E 140 39.35 -4.78 9.28
N PHE E 141 38.94 -4.53 10.51
CA PHE E 141 38.13 -5.46 11.28
C PHE E 141 36.99 -4.73 11.97
N ILE E 142 35.81 -5.34 11.91
CA ILE E 142 34.64 -4.89 12.67
C ILE E 142 33.97 -6.14 13.25
N GLU E 143 32.94 -5.91 14.05
CA GLU E 143 32.29 -6.98 14.81
C GLU E 143 30.78 -6.87 14.60
N THR E 144 30.22 -7.70 13.72
CA THR E 144 28.80 -7.63 13.40
C THR E 144 27.98 -8.67 14.15
N SER E 145 26.67 -8.50 14.01
CA SER E 145 25.61 -9.35 14.57
C SER E 145 24.29 -8.96 13.91
N ALA E 146 23.79 -9.80 12.99
CA ALA E 146 22.68 -9.40 12.16
C ALA E 146 21.39 -9.17 12.95
N LYS E 147 21.21 -9.89 14.07
CA LYS E 147 20.06 -9.63 14.94
C LYS E 147 20.11 -8.23 15.53
N THR E 148 21.24 -7.54 15.44
CA THR E 148 21.42 -6.21 15.98
C THR E 148 21.61 -5.14 14.92
N ARG E 149 22.13 -5.52 13.74
CA ARG E 149 22.58 -4.57 12.73
C ARG E 149 23.71 -3.69 13.27
N GLN E 150 24.72 -4.33 13.84
CA GLN E 150 25.82 -3.62 14.48
C GLN E 150 26.73 -2.98 13.44
N GLY E 151 27.87 -3.62 13.17
CA GLY E 151 28.72 -3.17 12.09
C GLY E 151 28.31 -3.79 10.77
N VAL E 152 27.06 -4.28 10.72
CA VAL E 152 26.56 -4.99 9.55
C VAL E 152 26.82 -4.18 8.29
N ASP E 153 26.30 -2.95 8.24
CA ASP E 153 26.60 -2.07 7.12
C ASP E 153 28.03 -1.56 7.20
N ASP E 154 28.56 -1.38 8.41
CA ASP E 154 29.94 -0.91 8.56
C ASP E 154 30.92 -1.85 7.87
N ALA E 155 30.66 -3.16 7.92
CA ALA E 155 31.53 -4.12 7.27
C ALA E 155 31.52 -3.93 5.76
N PHE E 156 30.32 -3.83 5.16
CA PHE E 156 30.24 -3.63 3.71
C PHE E 156 30.73 -2.24 3.32
N TYR E 157 30.37 -1.21 4.09
CA TYR E 157 30.78 0.15 3.74
C TYR E 157 32.29 0.28 3.75
N THR E 158 32.95 -0.27 4.77
CA THR E 158 34.40 -0.16 4.88
C THR E 158 35.11 -0.90 3.76
N LEU E 159 34.46 -1.92 3.18
CA LEU E 159 35.02 -2.62 2.04
C LEU E 159 35.15 -1.70 0.83
N VAL E 160 34.17 -0.82 0.62
CA VAL E 160 34.20 0.09 -0.53
C VAL E 160 35.42 1.00 -0.47
N ARG E 161 35.72 1.51 0.73
CA ARG E 161 36.92 2.30 0.94
C ARG E 161 38.15 1.55 0.45
N GLU E 162 38.19 0.24 0.72
CA GLU E 162 39.33 -0.56 0.30
C GLU E 162 39.35 -0.78 -1.20
N ILE E 163 38.18 -0.83 -1.83
CA ILE E 163 38.14 -0.92 -3.30
C ILE E 163 38.61 0.39 -3.91
N ARG E 164 38.07 1.51 -3.42
CA ARG E 164 38.44 2.82 -3.93
C ARG E 164 39.94 3.04 -3.85
N LYS E 165 40.52 2.75 -2.68
CA LYS E 165 41.95 2.98 -2.47
C LYS E 165 42.80 2.20 -3.46
N HIS E 166 42.58 0.88 -3.54
CA HIS E 166 43.40 -0.04 -4.34
C HIS E 166 43.67 0.46 -5.75
N LYS E 167 42.67 1.10 -6.36
CA LYS E 167 42.84 1.68 -7.68
C LYS E 167 43.82 2.84 -7.65
N GLU E 168 43.46 3.91 -6.95
CA GLU E 168 44.24 5.14 -6.96
C GLU E 168 45.46 5.03 -6.06
N THR F 2 21.96 -0.82 -38.54
CA THR F 2 22.30 -0.99 -37.12
C THR F 2 21.05 -0.92 -36.25
N GLU F 3 20.77 -2.00 -35.52
CA GLU F 3 19.46 -2.22 -34.91
C GLU F 3 19.55 -2.70 -33.46
N TYR F 4 18.39 -2.99 -32.87
CA TYR F 4 18.28 -3.73 -31.62
C TYR F 4 17.03 -4.59 -31.69
N LYS F 5 17.09 -5.78 -31.09
CA LYS F 5 15.99 -6.73 -31.10
C LYS F 5 15.44 -6.82 -29.67
N LEU F 6 14.28 -6.20 -29.43
CA LEU F 6 13.71 -6.11 -28.11
C LEU F 6 12.47 -6.99 -27.99
N VAL F 7 12.12 -7.33 -26.75
CA VAL F 7 10.94 -8.15 -26.43
C VAL F 7 10.15 -7.44 -25.34
N VAL F 8 8.86 -7.76 -25.28
CA VAL F 8 7.93 -7.14 -24.33
C VAL F 8 7.17 -8.27 -23.66
N VAL F 9 7.53 -8.59 -22.43
CA VAL F 9 6.84 -9.61 -21.66
C VAL F 9 5.89 -8.94 -20.69
N GLY F 10 4.97 -9.71 -20.15
CA GLY F 10 3.96 -9.21 -19.24
C GLY F 10 2.74 -10.09 -19.29
N ALA F 11 1.80 -9.79 -18.38
CA ALA F 11 0.59 -10.56 -18.25
C ALA F 11 -0.48 -10.05 -19.21
N VAL F 12 -1.66 -10.65 -19.15
CA VAL F 12 -2.79 -10.14 -19.91
C VAL F 12 -3.43 -9.01 -19.13
N GLY F 13 -3.84 -7.97 -19.84
CA GLY F 13 -4.50 -6.83 -19.22
C GLY F 13 -3.58 -5.74 -18.73
N VAL F 14 -2.28 -5.82 -18.98
CA VAL F 14 -1.36 -4.76 -18.54
C VAL F 14 -1.20 -3.69 -19.61
N GLY F 15 -1.03 -4.07 -20.86
CA GLY F 15 -0.80 -3.11 -21.92
C GLY F 15 0.47 -3.38 -22.69
N LYS F 16 0.81 -4.68 -22.83
CA LYS F 16 2.01 -5.05 -23.56
C LYS F 16 1.99 -4.49 -24.98
N SER F 17 0.91 -4.77 -25.71
CA SER F 17 0.84 -4.32 -27.10
C SER F 17 0.57 -2.82 -27.19
N ALA F 18 -0.24 -2.29 -26.26
CA ALA F 18 -0.57 -0.87 -26.27
C ALA F 18 0.68 0.00 -26.30
N LEU F 19 1.70 -0.36 -25.54
CA LEU F 19 2.99 0.29 -25.72
C LEU F 19 3.54 -0.01 -27.12
N THR F 20 3.55 -1.30 -27.51
CA THR F 20 4.27 -1.77 -28.69
C THR F 20 3.71 -1.21 -29.99
N ILE F 21 2.45 -0.78 -30.01
CA ILE F 21 1.89 -0.19 -31.21
C ILE F 21 1.75 1.33 -31.10
N GLN F 22 1.60 1.87 -29.89
CA GLN F 22 1.70 3.32 -29.72
C GLN F 22 3.07 3.85 -30.14
N LEU F 23 4.16 3.21 -29.73
CA LEU F 23 5.42 3.83 -30.09
C LEU F 23 5.85 3.54 -31.52
N ILE F 24 5.27 2.52 -32.15
CA ILE F 24 5.64 2.13 -33.49
C ILE F 24 4.67 2.69 -34.52
N GLN F 25 3.37 2.43 -34.32
CA GLN F 25 2.36 2.82 -35.27
C GLN F 25 1.56 4.05 -34.82
N ASN F 26 1.88 4.61 -33.66
CA ASN F 26 1.34 5.89 -33.21
C ASN F 26 -0.17 5.97 -33.15
N HIS F 27 -0.77 5.30 -32.16
CA HIS F 27 -2.10 5.59 -31.64
C HIS F 27 -2.44 4.59 -30.55
N PHE F 28 -3.14 5.06 -29.50
CA PHE F 28 -3.63 4.17 -28.45
C PHE F 28 -4.55 3.11 -29.04
N VAL F 29 -4.02 1.91 -29.21
CA VAL F 29 -4.84 0.76 -29.57
C VAL F 29 -5.86 0.58 -28.46
N ASP F 30 -7.13 0.92 -28.74
CA ASP F 30 -8.18 0.79 -27.74
C ASP F 30 -8.17 -0.58 -27.11
N GLU F 31 -8.08 -1.63 -27.92
CA GLU F 31 -7.94 -2.99 -27.39
C GLU F 31 -7.25 -3.84 -28.45
N TYR F 32 -6.16 -4.48 -28.08
CA TYR F 32 -5.42 -5.37 -28.97
C TYR F 32 -5.55 -6.79 -28.43
N ASP F 33 -6.01 -7.71 -29.27
CA ASP F 33 -6.26 -9.08 -28.85
C ASP F 33 -4.98 -9.69 -28.30
N PRO F 34 -4.94 -10.01 -27.01
CA PRO F 34 -3.68 -10.48 -26.40
C PRO F 34 -3.28 -11.88 -26.81
N THR F 35 -3.91 -12.42 -27.86
CA THR F 35 -3.62 -13.78 -28.31
C THR F 35 -2.79 -13.82 -29.58
N ILE F 36 -2.34 -12.68 -30.09
CA ILE F 36 -1.48 -12.63 -31.26
C ILE F 36 -0.25 -11.80 -30.93
N GLU F 37 0.84 -12.04 -31.66
CA GLU F 37 2.07 -11.29 -31.45
C GLU F 37 2.89 -11.31 -32.74
N ASP F 38 2.99 -10.17 -33.41
CA ASP F 38 3.93 -9.98 -34.50
C ASP F 38 5.24 -9.42 -33.96
N SER F 39 6.28 -9.48 -34.79
CA SER F 39 7.59 -8.96 -34.43
C SER F 39 7.71 -7.55 -34.99
N TYR F 40 7.06 -6.60 -34.31
CA TYR F 40 6.99 -5.23 -34.79
C TYR F 40 8.37 -4.60 -34.85
N ARG F 41 8.45 -3.45 -35.54
CA ARG F 41 9.71 -2.80 -35.81
C ARG F 41 9.45 -1.36 -36.26
N LYS F 42 10.45 -0.50 -36.06
CA LYS F 42 10.41 0.87 -36.54
C LYS F 42 11.79 1.51 -36.34
N GLN F 43 12.18 2.33 -37.31
CA GLN F 43 13.40 3.11 -37.22
C GLN F 43 13.09 4.43 -36.51
N VAL F 44 13.94 4.79 -35.55
CA VAL F 44 13.80 6.04 -34.82
C VAL F 44 15.19 6.59 -34.55
N VAL F 45 15.31 7.91 -34.57
CA VAL F 45 16.55 8.55 -34.15
C VAL F 45 16.67 8.34 -32.65
N ILE F 46 16.93 7.11 -32.23
CA ILE F 46 17.23 6.81 -30.84
C ILE F 46 18.44 7.62 -30.43
N ASP F 47 18.26 8.52 -29.46
CA ASP F 47 19.38 9.01 -28.68
C ASP F 47 20.68 9.27 -29.43
N GLY F 48 20.76 10.39 -30.14
CA GLY F 48 22.00 10.76 -30.83
C GLY F 48 22.59 9.62 -31.65
N GLU F 49 21.74 8.78 -32.21
CA GLU F 49 22.17 7.60 -32.94
C GLU F 49 20.99 7.17 -33.81
N THR F 50 21.26 6.26 -34.74
CA THR F 50 20.24 5.80 -35.68
C THR F 50 20.15 4.29 -35.60
N CYS F 51 19.09 3.79 -34.96
CA CYS F 51 18.96 2.36 -34.72
C CYS F 51 17.54 1.91 -35.02
N LEU F 52 17.36 0.59 -35.08
CA LEU F 52 16.14 -0.05 -35.56
C LEU F 52 15.62 -0.98 -34.47
N LEU F 53 14.45 -0.65 -33.91
CA LEU F 53 13.92 -1.38 -32.76
C LEU F 53 12.95 -2.44 -33.27
N ASP F 54 13.52 -3.58 -33.67
CA ASP F 54 12.73 -4.74 -34.07
C ASP F 54 12.24 -5.42 -32.80
N ILE F 55 11.01 -5.11 -32.39
CA ILE F 55 10.50 -5.60 -31.11
C ILE F 55 9.69 -6.87 -31.29
N LEU F 56 9.06 -7.30 -30.19
CA LEU F 56 8.21 -8.48 -30.15
C LEU F 56 7.44 -8.51 -28.83
N ASP F 57 6.17 -8.12 -28.85
CA ASP F 57 5.34 -8.10 -27.65
C ASP F 57 4.79 -9.50 -27.43
N THR F 58 5.49 -10.28 -26.61
CA THR F 58 5.12 -11.67 -26.45
C THR F 58 3.85 -11.80 -25.62
N ALA F 59 3.25 -12.97 -25.69
CA ALA F 59 2.08 -13.27 -24.87
C ALA F 59 2.01 -14.73 -24.48
N GLY F 60 3.04 -15.54 -24.75
CA GLY F 60 3.06 -16.93 -24.36
C GLY F 60 1.98 -17.78 -25.02
N GLY F 75 16.83 -11.83 -29.17
CA GLY F 75 16.59 -11.28 -27.86
C GLY F 75 17.77 -10.54 -27.26
N GLU F 76 17.61 -9.24 -27.02
CA GLU F 76 18.70 -8.43 -26.49
C GLU F 76 18.25 -7.67 -25.25
N GLY F 77 17.13 -6.95 -25.37
CA GLY F 77 16.57 -6.24 -24.24
C GLY F 77 15.09 -6.51 -24.06
N PHE F 78 14.73 -7.20 -22.98
CA PHE F 78 13.32 -7.45 -22.69
C PHE F 78 12.69 -6.23 -22.04
N LEU F 79 11.37 -6.12 -22.23
CA LEU F 79 10.56 -5.08 -21.58
C LEU F 79 9.56 -5.78 -20.66
N CYS F 80 10.05 -6.18 -19.48
CA CYS F 80 9.18 -6.72 -18.45
C CYS F 80 8.32 -5.59 -17.89
N VAL F 81 7.00 -5.75 -18.00
CA VAL F 81 6.07 -4.65 -17.79
C VAL F 81 4.96 -5.13 -16.87
N PHE F 82 4.65 -4.33 -15.84
CA PHE F 82 3.48 -4.56 -15.00
C PHE F 82 2.57 -3.34 -15.06
N ALA F 83 1.34 -3.54 -14.60
CA ALA F 83 0.34 -2.48 -14.59
C ALA F 83 0.22 -1.90 -13.19
N ILE F 84 0.35 -0.58 -13.10
CA ILE F 84 0.25 0.11 -11.81
C ILE F 84 -1.14 -0.02 -11.21
N ASN F 85 -2.16 -0.26 -12.03
CA ASN F 85 -3.50 -0.53 -11.54
C ASN F 85 -3.78 -2.02 -11.42
N ASN F 86 -2.76 -2.86 -11.50
CA ASN F 86 -2.90 -4.28 -11.32
C ASN F 86 -2.35 -4.69 -9.95
N THR F 87 -2.07 -5.98 -9.79
CA THR F 87 -1.41 -6.54 -8.62
C THR F 87 -0.90 -7.92 -9.00
N LYS F 88 -1.80 -8.74 -9.57
CA LYS F 88 -1.39 -10.01 -10.15
C LYS F 88 -0.26 -9.85 -11.15
N SER F 89 -0.40 -8.90 -12.08
CA SER F 89 0.66 -8.66 -13.05
C SER F 89 1.92 -8.18 -12.34
N PHE F 90 1.76 -7.37 -11.30
CA PHE F 90 2.92 -6.91 -10.53
C PHE F 90 3.59 -8.07 -9.79
N GLU F 91 2.80 -8.98 -9.24
CA GLU F 91 3.36 -10.14 -8.54
C GLU F 91 3.83 -11.23 -9.48
N ASP F 92 3.46 -11.17 -10.77
CA ASP F 92 3.91 -12.14 -11.75
C ASP F 92 5.29 -11.84 -12.32
N ILE F 93 6.02 -10.89 -11.76
CA ILE F 93 7.24 -10.46 -12.45
C ILE F 93 8.39 -11.46 -12.21
N HIS F 94 8.38 -12.23 -11.12
CA HIS F 94 9.44 -13.22 -10.92
C HIS F 94 9.25 -14.41 -11.83
N HIS F 95 8.03 -14.93 -11.88
CA HIS F 95 7.64 -15.81 -12.96
C HIS F 95 7.94 -15.18 -14.32
N TYR F 96 8.15 -13.86 -14.38
CA TYR F 96 8.69 -13.22 -15.58
C TYR F 96 10.16 -12.83 -15.45
N ARG F 97 10.64 -12.40 -14.28
CA ARG F 97 12.05 -12.04 -14.22
C ARG F 97 12.94 -13.28 -14.15
N GLU F 98 12.43 -14.40 -13.61
CA GLU F 98 13.20 -15.65 -13.74
C GLU F 98 13.10 -16.24 -15.13
N GLN F 99 11.91 -16.24 -15.74
CA GLN F 99 11.77 -16.72 -17.11
C GLN F 99 12.85 -16.16 -18.01
N ILE F 100 13.00 -14.84 -18.02
CA ILE F 100 14.00 -14.20 -18.88
C ILE F 100 15.40 -14.65 -18.48
N LYS F 101 15.68 -14.73 -17.18
CA LYS F 101 16.95 -15.30 -16.75
C LYS F 101 17.05 -16.78 -17.09
N ARG F 102 15.92 -17.50 -17.03
CA ARG F 102 15.97 -18.94 -17.26
C ARG F 102 16.40 -19.24 -18.69
N VAL F 103 15.84 -18.54 -19.68
CA VAL F 103 16.21 -18.79 -21.08
C VAL F 103 17.68 -18.47 -21.29
N LYS F 104 18.06 -17.23 -21.05
CA LYS F 104 19.40 -16.74 -21.33
C LYS F 104 20.45 -17.30 -20.42
N ASP F 105 20.09 -18.23 -19.52
CA ASP F 105 20.97 -18.81 -18.51
C ASP F 105 22.02 -17.82 -18.05
N SER F 106 21.59 -16.58 -17.79
CA SER F 106 22.45 -15.49 -17.37
C SER F 106 21.75 -14.71 -16.29
N GLU F 107 22.52 -14.28 -15.30
CA GLU F 107 21.96 -13.51 -14.19
C GLU F 107 22.20 -12.02 -14.38
N ASP F 108 22.57 -11.60 -15.59
CA ASP F 108 22.72 -10.20 -15.95
C ASP F 108 22.29 -10.06 -17.42
N VAL F 109 21.00 -9.84 -17.61
CA VAL F 109 20.42 -9.62 -18.93
C VAL F 109 19.77 -8.25 -18.93
N PRO F 110 20.08 -7.38 -19.89
CA PRO F 110 19.54 -6.01 -19.87
C PRO F 110 18.02 -5.99 -19.92
N MET F 111 17.43 -5.19 -19.03
CA MET F 111 15.98 -5.09 -18.95
C MET F 111 15.61 -3.75 -18.33
N VAL F 112 14.34 -3.41 -18.42
CA VAL F 112 13.80 -2.25 -17.71
C VAL F 112 12.37 -2.55 -17.30
N LEU F 113 12.13 -2.53 -15.98
CA LEU F 113 10.80 -2.77 -15.43
C LEU F 113 10.05 -1.44 -15.46
N VAL F 114 9.01 -1.36 -16.29
CA VAL F 114 8.23 -0.15 -16.42
C VAL F 114 6.85 -0.38 -15.84
N GLY F 115 6.26 0.70 -15.33
CA GLY F 115 4.91 0.64 -14.79
C GLY F 115 3.88 1.25 -15.73
N ASN F 116 3.13 0.41 -16.43
CA ASN F 116 2.27 0.88 -17.51
C ASN F 116 0.96 1.44 -16.97
N LYS F 117 0.35 2.32 -17.79
CA LYS F 117 -1.00 2.82 -17.56
C LYS F 117 -1.09 3.63 -16.27
N CYS F 118 -0.06 4.42 -15.99
CA CYS F 118 -0.11 5.36 -14.87
C CYS F 118 -1.05 6.53 -15.12
N ASP F 119 -1.78 6.54 -16.25
CA ASP F 119 -2.80 7.55 -16.50
C ASP F 119 -4.03 7.37 -15.62
N LEU F 120 -4.21 6.17 -15.05
CA LEU F 120 -5.43 5.82 -14.31
C LEU F 120 -5.32 6.23 -12.85
N PRO F 121 -6.32 6.93 -12.31
CA PRO F 121 -6.35 7.18 -10.87
C PRO F 121 -6.76 5.96 -10.06
N SER F 122 -7.30 4.92 -10.70
CA SER F 122 -7.68 3.68 -10.01
C SER F 122 -6.46 2.79 -9.82
N ARG F 123 -5.49 3.29 -9.05
CA ARG F 123 -4.19 2.66 -8.93
C ARG F 123 -3.87 2.32 -7.49
N THR F 124 -3.10 1.23 -7.30
CA THR F 124 -2.76 0.74 -5.97
C THR F 124 -1.26 0.55 -5.81
N VAL F 125 -0.58 0.15 -6.88
CA VAL F 125 0.85 -0.13 -6.82
C VAL F 125 1.63 1.19 -6.72
N ASP F 126 1.98 1.57 -5.50
CA ASP F 126 2.68 2.82 -5.30
C ASP F 126 4.06 2.80 -5.96
N THR F 127 4.64 3.98 -6.12
CA THR F 127 5.94 4.10 -6.76
C THR F 127 7.03 3.42 -5.93
N LYS F 128 6.85 3.31 -4.61
CA LYS F 128 7.80 2.58 -3.78
C LYS F 128 8.02 1.15 -4.27
N GLN F 129 6.96 0.34 -4.22
CA GLN F 129 6.97 -0.98 -4.84
C GLN F 129 7.62 -0.93 -6.21
N ALA F 130 7.12 -0.02 -7.04
CA ALA F 130 7.60 0.17 -8.40
C ALA F 130 8.95 0.88 -8.42
N GLN F 131 9.81 0.57 -7.45
CA GLN F 131 11.15 1.10 -7.38
C GLN F 131 12.08 0.12 -6.67
N ASP F 132 11.80 -0.13 -5.38
CA ASP F 132 12.62 -1.06 -4.62
C ASP F 132 12.65 -2.44 -5.28
N LEU F 133 11.58 -2.80 -5.99
CA LEU F 133 11.61 -3.99 -6.83
C LEU F 133 12.55 -3.77 -8.01
N ALA F 134 12.40 -2.65 -8.72
CA ALA F 134 13.31 -2.35 -9.82
C ALA F 134 14.72 -2.12 -9.29
N ARG F 135 14.86 -1.52 -8.11
CA ARG F 135 16.17 -1.39 -7.49
C ARG F 135 16.74 -2.73 -7.05
N SER F 136 15.90 -3.75 -6.89
CA SER F 136 16.35 -5.10 -6.58
C SER F 136 16.86 -5.84 -7.80
N TYR F 137 17.07 -5.12 -8.90
CA TYR F 137 17.91 -5.56 -10.02
C TYR F 137 18.68 -4.40 -10.62
N GLY F 138 18.55 -3.20 -10.04
CA GLY F 138 19.22 -2.02 -10.54
C GLY F 138 18.56 -1.47 -11.79
N ILE F 139 17.94 -2.35 -12.57
CA ILE F 139 17.48 -2.01 -13.91
C ILE F 139 16.50 -0.84 -13.85
N PRO F 140 16.50 0.04 -14.85
CA PRO F 140 15.76 1.29 -14.73
C PRO F 140 14.27 1.05 -14.53
N PHE F 141 13.60 2.09 -14.04
CA PHE F 141 12.14 2.08 -13.93
C PHE F 141 11.58 3.36 -14.51
N ILE F 142 10.50 3.23 -15.26
CA ILE F 142 9.71 4.35 -15.76
C ILE F 142 8.24 3.99 -15.55
N GLU F 143 7.36 4.96 -15.83
CA GLU F 143 5.92 4.75 -15.71
C GLU F 143 5.25 5.26 -16.98
N THR F 144 4.79 4.34 -17.82
CA THR F 144 4.14 4.66 -19.08
C THR F 144 2.62 4.59 -18.96
N SER F 145 1.98 4.96 -20.07
CA SER F 145 0.54 4.95 -20.23
C SER F 145 0.22 5.22 -21.69
N ALA F 146 0.04 4.17 -22.48
CA ALA F 146 -0.10 4.29 -23.92
C ALA F 146 -1.27 5.18 -24.34
N LYS F 147 -2.12 5.59 -23.41
CA LYS F 147 -3.13 6.59 -23.71
C LYS F 147 -2.59 8.01 -23.67
N THR F 148 -1.34 8.18 -23.24
CA THR F 148 -0.71 9.50 -23.13
C THR F 148 0.63 9.61 -23.87
N ARG F 149 1.28 8.49 -24.20
CA ARG F 149 2.64 8.48 -24.72
C ARG F 149 3.62 9.11 -23.73
N GLN F 150 3.50 8.75 -22.45
CA GLN F 150 4.36 9.31 -21.42
C GLN F 150 5.80 8.87 -21.61
N GLY F 151 6.25 7.92 -20.79
CA GLY F 151 7.56 7.34 -20.97
C GLY F 151 7.53 6.19 -21.95
N VAL F 152 6.50 6.18 -22.80
CA VAL F 152 6.30 5.10 -23.76
C VAL F 152 7.57 4.87 -24.58
N ASP F 153 8.05 5.92 -25.24
CA ASP F 153 9.33 5.82 -25.93
C ASP F 153 10.48 5.74 -24.95
N ASP F 154 10.38 6.47 -23.84
CA ASP F 154 11.43 6.47 -22.83
C ASP F 154 11.74 5.06 -22.34
N ALA F 155 10.70 4.22 -22.21
CA ALA F 155 10.90 2.86 -21.75
C ALA F 155 11.75 2.06 -22.72
N PHE F 156 11.41 2.13 -24.01
CA PHE F 156 12.17 1.43 -25.04
C PHE F 156 13.51 2.12 -25.28
N TYR F 157 13.53 3.45 -25.29
CA TYR F 157 14.78 4.20 -25.41
C TYR F 157 15.76 3.80 -24.33
N THR F 158 15.30 3.76 -23.08
CA THR F 158 16.18 3.41 -21.95
C THR F 158 16.69 1.98 -22.07
N LEU F 159 15.91 1.09 -22.68
CA LEU F 159 16.35 -0.29 -22.88
C LEU F 159 17.59 -0.35 -23.76
N VAL F 160 17.64 0.48 -24.80
CA VAL F 160 18.81 0.54 -25.67
C VAL F 160 20.06 0.86 -24.86
N ARG F 161 19.96 1.87 -24.00
CA ARG F 161 21.08 2.19 -23.11
C ARG F 161 21.53 0.97 -22.34
N GLU F 162 20.57 0.16 -21.89
CA GLU F 162 20.91 -1.04 -21.14
C GLU F 162 21.60 -2.08 -22.03
N ILE F 163 21.25 -2.11 -23.31
CA ILE F 163 21.93 -3.01 -24.24
C ILE F 163 23.36 -2.55 -24.47
N ARG F 164 23.54 -1.25 -24.71
CA ARG F 164 24.86 -0.71 -24.98
C ARG F 164 25.84 -1.04 -23.85
N LYS F 165 25.42 -0.79 -22.60
CA LYS F 165 26.22 -1.07 -21.42
C LYS F 165 26.77 -2.49 -21.43
N HIS F 166 25.86 -3.47 -21.37
CA HIS F 166 26.18 -4.88 -21.14
C HIS F 166 27.33 -5.36 -22.01
N LYS F 167 27.35 -4.97 -23.29
CA LYS F 167 28.47 -5.28 -24.15
C LYS F 167 29.75 -4.69 -23.58
N GLU F 168 29.83 -3.36 -23.57
CA GLU F 168 31.03 -2.64 -23.14
C GLU F 168 31.11 -2.58 -21.62
N THR G 2 -15.94 25.09 -1.21
CA THR G 2 -15.02 26.05 -1.83
C THR G 2 -14.26 25.38 -2.98
N GLU G 3 -14.21 26.06 -4.12
CA GLU G 3 -13.90 25.35 -5.36
C GLU G 3 -13.71 26.38 -6.48
N TYR G 4 -12.81 26.05 -7.41
CA TYR G 4 -12.60 26.87 -8.60
C TYR G 4 -12.38 25.97 -9.81
N LYS G 5 -12.91 26.42 -10.95
CA LYS G 5 -12.87 25.67 -12.21
C LYS G 5 -11.99 26.44 -13.21
N LEU G 6 -10.72 26.07 -13.26
CA LEU G 6 -9.71 26.79 -14.04
C LEU G 6 -9.49 26.14 -15.40
N VAL G 7 -8.84 26.90 -16.29
CA VAL G 7 -8.50 26.44 -17.63
C VAL G 7 -7.05 26.78 -17.91
N VAL G 8 -6.45 26.05 -18.85
CA VAL G 8 -5.05 26.23 -19.22
C VAL G 8 -4.99 26.27 -20.75
N VAL G 9 -4.86 27.48 -21.31
CA VAL G 9 -4.79 27.64 -22.77
C VAL G 9 -3.34 27.80 -23.18
N GLY G 10 -3.06 27.45 -24.43
CA GLY G 10 -1.72 27.56 -24.96
C GLY G 10 -1.59 26.78 -26.26
N ALA G 11 -0.37 26.75 -26.76
CA ALA G 11 -0.05 26.08 -28.01
C ALA G 11 0.40 24.64 -27.73
N VAL G 12 0.76 23.92 -28.79
CA VAL G 12 1.32 22.59 -28.61
C VAL G 12 2.83 22.73 -28.39
N GLY G 13 3.36 21.94 -27.47
CA GLY G 13 4.78 21.94 -27.18
C GLY G 13 5.26 22.97 -26.17
N VAL G 14 4.35 23.65 -25.48
CA VAL G 14 4.74 24.63 -24.47
C VAL G 14 4.87 24.00 -23.09
N GLY G 15 3.91 23.15 -22.71
CA GLY G 15 3.92 22.53 -21.40
C GLY G 15 2.56 22.51 -20.73
N LYS G 16 1.49 22.73 -21.52
CA LYS G 16 0.16 22.95 -20.96
C LYS G 16 -0.20 21.89 -19.93
N SER G 17 -0.14 20.62 -20.34
CA SER G 17 -0.52 19.54 -19.45
C SER G 17 0.52 19.32 -18.36
N ALA G 18 1.80 19.45 -18.71
CA ALA G 18 2.87 19.18 -17.75
C ALA G 18 2.71 19.99 -16.48
N LEU G 19 2.18 21.21 -16.58
CA LEU G 19 1.86 21.99 -15.38
C LEU G 19 0.64 21.39 -14.67
N THR G 20 -0.40 21.04 -15.43
CA THR G 20 -1.59 20.44 -14.84
C THR G 20 -1.28 19.09 -14.20
N ILE G 21 -0.27 18.38 -14.71
CA ILE G 21 0.02 17.04 -14.25
C ILE G 21 1.32 16.98 -13.45
N GLN G 22 1.89 18.15 -13.10
CA GLN G 22 2.93 18.21 -12.07
C GLN G 22 2.45 18.88 -10.81
N LEU G 23 1.57 19.87 -10.91
CA LEU G 23 0.91 20.40 -9.72
C LEU G 23 -0.07 19.40 -9.13
N ILE G 24 -0.74 18.61 -9.98
CA ILE G 24 -1.82 17.77 -9.50
C ILE G 24 -1.31 16.37 -9.19
N GLN G 25 -0.79 15.68 -10.21
CA GLN G 25 -0.40 14.28 -10.06
C GLN G 25 1.04 14.10 -9.60
N ASN G 26 1.85 15.16 -9.60
CA ASN G 26 3.17 15.20 -8.95
C ASN G 26 4.15 14.21 -9.61
N HIS G 27 4.59 14.59 -10.81
CA HIS G 27 5.81 14.10 -11.44
C HIS G 27 5.93 14.70 -12.84
N PHE G 28 7.16 14.89 -13.31
CA PHE G 28 7.40 15.47 -14.62
C PHE G 28 6.92 14.50 -15.70
N VAL G 29 5.83 14.86 -16.38
CA VAL G 29 5.31 14.06 -17.48
C VAL G 29 6.30 14.18 -18.64
N ASP G 30 6.97 13.07 -18.96
CA ASP G 30 7.97 13.09 -20.03
C ASP G 30 7.36 13.57 -21.35
N GLU G 31 6.13 13.15 -21.64
CA GLU G 31 5.43 13.58 -22.85
C GLU G 31 3.96 13.25 -22.67
N TYR G 32 3.11 14.26 -22.75
CA TYR G 32 1.67 14.07 -22.67
C TYR G 32 1.07 14.58 -23.97
N ASP G 33 0.27 13.75 -24.62
CA ASP G 33 -0.22 14.07 -25.95
C ASP G 33 -1.00 15.37 -25.93
N PRO G 34 -0.57 16.40 -26.66
CA PRO G 34 -1.31 17.66 -26.67
C PRO G 34 -2.63 17.57 -27.42
N THR G 35 -3.07 16.36 -27.74
CA THR G 35 -4.27 16.14 -28.52
C THR G 35 -5.43 15.58 -27.70
N ILE G 36 -5.26 15.44 -26.38
CA ILE G 36 -6.33 14.99 -25.51
C ILE G 36 -6.43 15.94 -24.33
N GLU G 37 -7.65 16.12 -23.83
CA GLU G 37 -7.90 17.09 -22.76
C GLU G 37 -9.01 16.57 -21.86
N ASP G 38 -8.65 16.23 -20.62
CA ASP G 38 -9.62 15.93 -19.57
C ASP G 38 -9.79 17.15 -18.69
N SER G 39 -10.82 17.11 -17.85
CA SER G 39 -11.10 18.20 -16.91
C SER G 39 -10.54 17.79 -15.56
N TYR G 40 -9.22 17.91 -15.42
CA TYR G 40 -8.55 17.44 -14.20
C TYR G 40 -8.92 18.32 -13.01
N ARG G 41 -8.48 17.86 -11.83
CA ARG G 41 -8.88 18.46 -10.57
C ARG G 41 -7.86 18.08 -9.49
N LYS G 42 -7.91 18.81 -8.38
CA LYS G 42 -7.21 18.45 -7.16
C LYS G 42 -7.49 19.45 -6.06
N GLN G 43 -7.75 18.96 -4.85
CA GLN G 43 -7.89 19.82 -3.69
C GLN G 43 -6.52 20.08 -3.09
N VAL G 44 -6.27 21.32 -2.72
CA VAL G 44 -5.01 21.71 -2.08
C VAL G 44 -5.33 22.73 -0.99
N VAL G 45 -4.38 22.88 -0.07
CA VAL G 45 -4.48 23.89 0.97
C VAL G 45 -4.05 25.22 0.37
N ILE G 46 -4.79 25.70 -0.64
CA ILE G 46 -4.51 27.00 -1.22
C ILE G 46 -4.50 28.04 -0.14
N ASP G 47 -3.44 28.86 -0.12
CA ASP G 47 -3.44 30.15 0.55
C ASP G 47 -4.39 30.24 1.73
N GLY G 48 -4.02 29.61 2.85
CA GLY G 48 -4.86 29.63 4.05
C GLY G 48 -6.32 29.33 3.76
N GLU G 49 -6.59 28.34 2.93
CA GLU G 49 -7.94 28.09 2.46
C GLU G 49 -8.01 26.70 1.87
N THR G 50 -9.23 26.18 1.78
CA THR G 50 -9.48 24.80 1.39
C THR G 50 -10.28 24.83 0.09
N CYS G 51 -9.58 24.72 -1.03
CA CYS G 51 -10.20 24.99 -2.33
C CYS G 51 -9.91 23.87 -3.31
N LEU G 52 -10.79 23.74 -4.29
CA LEU G 52 -10.75 22.66 -5.27
C LEU G 52 -10.44 23.24 -6.64
N LEU G 53 -9.31 22.82 -7.22
CA LEU G 53 -8.87 23.26 -8.54
C LEU G 53 -9.35 22.27 -9.60
N ASP G 54 -10.57 22.43 -10.07
CA ASP G 54 -11.09 21.63 -11.19
C ASP G 54 -10.61 22.27 -12.48
N ILE G 55 -9.41 21.89 -12.91
CA ILE G 55 -8.73 22.56 -14.02
C ILE G 55 -9.21 21.97 -15.34
N LEU G 56 -8.69 22.50 -16.46
CA LEU G 56 -8.97 21.95 -17.77
C LEU G 56 -7.82 22.33 -18.69
N ASP G 57 -7.14 21.31 -19.25
CA ASP G 57 -5.97 21.52 -20.11
C ASP G 57 -6.41 21.56 -21.57
N THR G 58 -7.03 22.68 -21.95
CA THR G 58 -7.62 22.80 -23.28
C THR G 58 -6.55 22.73 -24.37
N ALA G 59 -6.96 22.30 -25.57
CA ALA G 59 -6.03 22.11 -26.67
C ALA G 59 -6.68 22.42 -28.02
N GLY G 60 -7.45 23.52 -28.07
CA GLY G 60 -8.01 24.03 -29.31
C GLY G 60 -8.60 23.03 -30.30
N ASP G 69 -17.34 23.55 -24.09
CA ASP G 69 -18.47 24.18 -23.41
C ASP G 69 -18.38 24.02 -21.90
N GLN G 70 -19.34 24.61 -21.18
CA GLN G 70 -19.43 24.55 -19.73
C GLN G 70 -18.22 25.17 -19.04
N TYR G 71 -17.02 24.90 -19.55
CA TYR G 71 -15.79 25.47 -19.01
C TYR G 71 -15.42 26.77 -19.70
N MET G 72 -15.23 26.74 -21.02
CA MET G 72 -14.88 27.94 -21.78
C MET G 72 -16.05 28.92 -21.75
N ARG G 73 -16.45 29.29 -20.54
CA ARG G 73 -17.56 30.20 -20.23
C ARG G 73 -17.54 30.40 -18.72
N THR G 74 -17.62 29.30 -17.97
CA THR G 74 -17.33 29.31 -16.55
C THR G 74 -15.85 29.16 -16.25
N GLY G 75 -15.01 29.45 -17.25
CA GLY G 75 -13.60 29.63 -16.98
C GLY G 75 -13.41 30.82 -16.07
N GLU G 76 -13.34 30.55 -14.77
CA GLU G 76 -13.25 31.63 -13.79
C GLU G 76 -11.88 32.29 -13.83
N GLY G 77 -10.85 31.50 -14.14
CA GLY G 77 -9.49 32.02 -14.31
C GLY G 77 -8.74 31.21 -15.35
N PHE G 78 -8.18 31.90 -16.34
CA PHE G 78 -7.49 31.24 -17.44
C PHE G 78 -5.99 31.26 -17.22
N LEU G 79 -5.35 30.12 -17.42
CA LEU G 79 -3.89 30.02 -17.39
C LEU G 79 -3.36 30.10 -18.82
N CYS G 80 -3.35 31.33 -19.35
CA CYS G 80 -2.74 31.60 -20.63
C CYS G 80 -1.23 31.54 -20.50
N VAL G 81 -0.60 30.57 -21.16
CA VAL G 81 0.77 30.18 -20.89
C VAL G 81 1.56 30.16 -22.19
N PHE G 82 2.78 30.71 -22.15
CA PHE G 82 3.72 30.60 -23.26
C PHE G 82 5.01 29.93 -22.78
N ALA G 83 5.82 29.51 -23.75
CA ALA G 83 7.10 28.88 -23.48
C ALA G 83 8.23 29.88 -23.67
N ILE G 84 9.18 29.87 -22.73
CA ILE G 84 10.33 30.77 -22.79
C ILE G 84 11.40 30.31 -23.76
N ASN G 85 11.33 29.07 -24.24
CA ASN G 85 12.22 28.59 -25.29
C ASN G 85 11.52 28.49 -26.63
N ASN G 86 10.42 29.21 -26.80
CA ASN G 86 9.67 29.25 -28.04
C ASN G 86 9.82 30.64 -28.66
N THR G 87 8.83 31.03 -29.46
CA THR G 87 8.69 32.40 -29.92
C THR G 87 7.30 32.57 -30.50
N LYS G 88 6.92 31.66 -31.39
CA LYS G 88 5.57 31.65 -31.92
C LYS G 88 4.54 31.51 -30.80
N SER G 89 4.83 30.67 -29.80
CA SER G 89 3.91 30.52 -28.69
C SER G 89 3.77 31.81 -27.90
N PHE G 90 4.89 32.52 -27.73
CA PHE G 90 4.83 33.84 -27.10
C PHE G 90 4.00 34.81 -27.94
N GLU G 91 4.11 34.71 -29.27
CA GLU G 91 3.36 35.55 -30.18
C GLU G 91 1.91 35.12 -30.34
N ASP G 92 1.55 33.93 -29.86
CA ASP G 92 0.21 33.39 -30.00
C ASP G 92 -0.73 33.83 -28.88
N ILE G 93 -0.25 34.58 -27.90
CA ILE G 93 -1.06 34.75 -26.72
C ILE G 93 -2.25 35.69 -26.96
N HIS G 94 -2.25 36.51 -28.02
CA HIS G 94 -3.38 37.43 -28.29
C HIS G 94 -4.54 36.68 -28.92
N HIS G 95 -4.23 35.96 -29.99
CA HIS G 95 -5.10 34.89 -30.41
C HIS G 95 -5.48 33.98 -29.26
N TYR G 96 -4.77 34.05 -28.13
CA TYR G 96 -5.26 33.47 -26.89
C TYR G 96 -5.71 34.54 -25.90
N ARG G 97 -5.10 35.75 -25.96
CA ARG G 97 -5.54 36.88 -25.14
C ARG G 97 -6.94 37.30 -25.53
N GLU G 98 -7.16 37.62 -26.80
CA GLU G 98 -8.49 38.06 -27.23
C GLU G 98 -9.48 36.92 -27.25
N GLN G 99 -9.03 35.68 -27.53
CA GLN G 99 -9.96 34.57 -27.48
C GLN G 99 -10.69 34.53 -26.16
N ILE G 100 -9.94 34.56 -25.06
CA ILE G 100 -10.51 34.56 -23.72
C ILE G 100 -11.43 35.75 -23.52
N LYS G 101 -11.02 36.93 -23.99
CA LYS G 101 -11.89 38.10 -23.89
C LYS G 101 -13.02 38.03 -24.90
N ARG G 102 -12.81 37.37 -26.05
CA ARG G 102 -13.85 37.27 -27.06
C ARG G 102 -15.05 36.49 -26.54
N VAL G 103 -14.82 35.28 -25.98
CA VAL G 103 -15.92 34.48 -25.46
C VAL G 103 -16.60 35.22 -24.31
N LYS G 104 -15.85 35.49 -23.25
CA LYS G 104 -16.36 36.16 -22.08
C LYS G 104 -16.87 37.57 -22.35
N ASP G 105 -16.72 38.06 -23.59
CA ASP G 105 -17.09 39.42 -24.00
C ASP G 105 -16.82 40.43 -22.89
N SER G 106 -15.64 40.34 -22.30
CA SER G 106 -15.22 41.18 -21.18
C SER G 106 -13.76 41.55 -21.36
N GLU G 107 -13.43 42.80 -21.07
CA GLU G 107 -12.06 43.26 -21.08
C GLU G 107 -11.37 43.05 -19.74
N ASP G 108 -12.05 42.42 -18.78
CA ASP G 108 -11.50 42.16 -17.46
C ASP G 108 -11.90 40.75 -17.06
N VAL G 109 -11.05 39.78 -17.44
CA VAL G 109 -11.22 38.39 -17.07
C VAL G 109 -9.98 37.98 -16.29
N PRO G 110 -10.13 37.37 -15.10
CA PRO G 110 -8.95 36.94 -14.34
C PRO G 110 -8.11 35.94 -15.14
N MET G 111 -6.84 36.29 -15.33
CA MET G 111 -5.90 35.44 -16.03
C MET G 111 -4.52 35.72 -15.45
N VAL G 112 -3.60 34.78 -15.69
CA VAL G 112 -2.20 34.98 -15.32
C VAL G 112 -1.32 34.41 -16.42
N LEU G 113 -0.54 35.27 -17.06
CA LEU G 113 0.41 34.85 -18.08
C LEU G 113 1.63 34.30 -17.37
N VAL G 114 1.87 33.00 -17.48
CA VAL G 114 3.04 32.40 -16.88
C VAL G 114 4.01 32.01 -17.99
N GLY G 115 5.30 31.99 -17.64
CA GLY G 115 6.31 31.58 -18.59
C GLY G 115 6.87 30.21 -18.26
N ASN G 116 6.52 29.21 -19.07
CA ASN G 116 6.81 27.84 -18.72
C ASN G 116 8.17 27.40 -19.24
N LYS G 117 8.75 26.41 -18.56
CA LYS G 117 10.00 25.76 -18.98
C LYS G 117 11.18 26.72 -18.90
N CYS G 118 11.18 27.59 -17.89
CA CYS G 118 12.36 28.42 -17.61
C CYS G 118 13.57 27.59 -17.18
N ASP G 119 13.43 26.27 -17.02
CA ASP G 119 14.54 25.41 -16.67
C ASP G 119 15.60 25.32 -17.76
N LEU G 120 15.24 25.63 -19.01
CA LEU G 120 16.18 25.49 -20.11
C LEU G 120 17.12 26.69 -20.17
N PRO G 121 18.44 26.48 -20.30
CA PRO G 121 19.32 27.57 -20.72
C PRO G 121 19.15 27.92 -22.19
N SER G 122 18.39 27.11 -22.94
CA SER G 122 18.17 27.30 -24.37
C SER G 122 16.97 28.23 -24.59
N ARG G 123 17.12 29.47 -24.10
CA ARG G 123 16.00 30.40 -24.02
C ARG G 123 16.34 31.70 -24.72
N THR G 124 15.29 32.38 -25.22
CA THR G 124 15.45 33.62 -25.96
C THR G 124 14.51 34.69 -25.43
N VAL G 125 13.36 34.27 -24.90
CA VAL G 125 12.33 35.20 -24.46
C VAL G 125 12.67 35.74 -23.07
N ASP G 126 13.32 36.90 -23.02
CA ASP G 126 13.80 37.43 -21.76
C ASP G 126 12.63 37.85 -20.87
N THR G 127 12.95 38.06 -19.59
CA THR G 127 11.93 38.40 -18.60
C THR G 127 11.26 39.73 -18.93
N LYS G 128 11.95 40.62 -19.63
CA LYS G 128 11.37 41.88 -20.06
C LYS G 128 10.11 41.67 -20.89
N GLN G 129 10.27 41.03 -22.06
CA GLN G 129 9.13 40.54 -22.84
C GLN G 129 8.07 39.96 -21.93
N ALA G 130 8.47 38.97 -21.14
CA ALA G 130 7.62 38.27 -20.20
C ALA G 130 7.29 39.13 -19.00
N GLN G 131 7.06 40.42 -19.24
CA GLN G 131 6.65 41.36 -18.21
C GLN G 131 5.91 42.53 -18.86
N ASP G 132 6.59 43.25 -19.75
CA ASP G 132 5.95 44.37 -20.45
C ASP G 132 4.69 43.91 -21.17
N LEU G 133 4.71 42.69 -21.71
CA LEU G 133 3.49 42.09 -22.22
C LEU G 133 2.50 41.86 -21.08
N ALA G 134 2.94 41.18 -20.02
CA ALA G 134 2.06 40.93 -18.88
C ALA G 134 1.69 42.23 -18.18
N ARG G 135 2.57 43.24 -18.24
CA ARG G 135 2.22 44.55 -17.71
C ARG G 135 1.20 45.26 -18.58
N SER G 136 1.01 44.82 -19.82
CA SER G 136 -0.02 45.34 -20.69
C SER G 136 -1.36 44.65 -20.49
N TYR G 137 -1.54 43.96 -19.35
CA TYR G 137 -2.85 43.54 -18.86
C TYR G 137 -2.92 43.57 -17.34
N GLY G 138 -1.87 44.03 -16.67
CA GLY G 138 -1.86 44.11 -15.22
C GLY G 138 -1.82 42.76 -14.54
N ILE G 139 -2.26 41.74 -15.26
CA ILE G 139 -2.38 40.39 -14.70
C ILE G 139 -0.99 39.87 -14.38
N PRO G 140 -0.85 39.07 -13.32
CA PRO G 140 0.47 38.68 -12.84
C PRO G 140 1.24 37.85 -13.86
N PHE G 141 2.54 37.74 -13.60
CA PHE G 141 3.42 36.86 -14.36
C PHE G 141 4.27 36.03 -13.40
N ILE G 142 4.51 34.78 -13.78
CA ILE G 142 5.45 33.90 -13.08
C ILE G 142 6.20 33.07 -14.12
N GLU G 143 7.21 32.35 -13.66
CA GLU G 143 8.10 31.54 -14.50
C GLU G 143 8.10 30.12 -13.96
N THR G 144 7.52 29.19 -14.73
CA THR G 144 7.42 27.79 -14.30
C THR G 144 8.30 26.88 -15.14
N SER G 145 8.44 25.65 -14.65
CA SER G 145 9.17 24.59 -15.33
C SER G 145 8.78 23.29 -14.66
N ALA G 146 7.99 22.47 -15.35
CA ALA G 146 7.45 21.25 -14.75
C ALA G 146 8.52 20.22 -14.44
N LYS G 147 9.73 20.37 -14.98
CA LYS G 147 10.84 19.51 -14.61
C LYS G 147 11.41 19.87 -13.24
N THR G 148 10.96 20.99 -12.65
CA THR G 148 11.51 21.47 -11.39
C THR G 148 10.42 21.74 -10.36
N ARG G 149 9.19 21.98 -10.81
CA ARG G 149 8.09 22.45 -9.96
C ARG G 149 8.41 23.82 -9.34
N GLN G 150 8.83 24.75 -10.19
CA GLN G 150 9.18 26.10 -9.72
C GLN G 150 7.93 26.87 -9.29
N GLY G 151 7.58 27.89 -10.07
CA GLY G 151 6.31 28.57 -9.87
C GLY G 151 5.09 27.77 -10.24
N VAL G 152 5.25 26.46 -10.46
CA VAL G 152 4.18 25.57 -10.90
C VAL G 152 2.93 25.75 -10.05
N ASP G 153 3.05 25.58 -8.73
CA ASP G 153 1.90 25.83 -7.88
C ASP G 153 1.60 27.31 -7.75
N ASP G 154 2.64 28.15 -7.80
CA ASP G 154 2.44 29.59 -7.63
C ASP G 154 1.63 30.18 -8.78
N ALA G 155 1.77 29.65 -9.99
CA ALA G 155 0.98 30.13 -11.11
C ALA G 155 -0.51 29.87 -10.87
N PHE G 156 -0.86 28.65 -10.48
CA PHE G 156 -2.24 28.32 -10.16
C PHE G 156 -2.72 29.09 -8.94
N TYR G 157 -1.92 29.07 -7.86
CA TYR G 157 -2.30 29.77 -6.65
C TYR G 157 -2.61 31.23 -6.92
N THR G 158 -1.71 31.90 -7.65
CA THR G 158 -1.88 33.34 -7.90
C THR G 158 -3.13 33.62 -8.71
N LEU G 159 -3.51 32.69 -9.60
CA LEU G 159 -4.75 32.85 -10.34
C LEU G 159 -5.95 32.93 -9.41
N VAL G 160 -5.92 32.17 -8.31
CA VAL G 160 -7.03 32.17 -7.36
C VAL G 160 -7.23 33.57 -6.78
N ARG G 161 -6.13 34.22 -6.39
CA ARG G 161 -6.20 35.60 -5.93
C ARG G 161 -6.84 36.49 -6.98
N GLU G 162 -6.58 36.19 -8.26
CA GLU G 162 -7.17 36.98 -9.33
C GLU G 162 -8.67 36.75 -9.45
N ILE G 163 -9.14 35.54 -9.11
CA ILE G 163 -10.58 35.28 -9.14
C ILE G 163 -11.25 35.96 -7.96
N ARG G 164 -10.71 35.76 -6.76
CA ARG G 164 -11.29 36.34 -5.56
C ARG G 164 -11.52 37.84 -5.73
N LYS G 165 -10.51 38.53 -6.27
CA LYS G 165 -10.57 39.97 -6.49
C LYS G 165 -11.75 40.35 -7.38
N HIS G 166 -11.74 39.86 -8.62
CA HIS G 166 -12.68 40.27 -9.66
C HIS G 166 -14.11 40.41 -9.16
N LYS G 167 -14.59 39.41 -8.41
CA LYS G 167 -15.95 39.47 -7.89
C LYS G 167 -16.11 40.61 -6.89
N GLU G 168 -15.28 40.62 -5.85
CA GLU G 168 -15.41 41.61 -4.78
C GLU G 168 -14.65 42.89 -5.10
N LEU H 1 -5.59 20.46 -39.85
CA LEU H 1 -5.04 21.39 -38.86
C LEU H 1 -4.42 20.64 -37.69
N TYR H 2 -4.05 19.38 -37.91
CA TYR H 2 -3.41 18.54 -36.89
C TYR H 2 -2.31 17.68 -37.49
N ASP H 3 -2.64 16.45 -37.89
CA ASP H 3 -1.72 15.50 -38.50
C ASP H 3 -0.39 15.41 -37.76
N VAL H 4 0.69 15.12 -38.49
CA VAL H 4 1.99 14.86 -37.88
C VAL H 4 3.03 15.83 -38.41
N ALA H 5 3.69 15.46 -39.51
CA ALA H 5 4.77 16.28 -40.04
C ALA H 5 4.39 16.89 -41.39
#